data_7CSL
#
_entry.id   7CSL
#
_cell.length_a   55.149
_cell.length_b   70.194
_cell.length_c   77.822
_cell.angle_alpha   112.900
_cell.angle_beta   91.770
_cell.angle_gamma   89.980
#
_symmetry.space_group_name_H-M   'P 1'
#
loop_
_entity.id
_entity.type
_entity.pdbx_description
1 polymer 'Elongation factor 1-alpha'
2 polymer 'Elongation factor 1-beta'
3 water water
#
loop_
_entity_poly.entity_id
_entity_poly.type
_entity_poly.pdbx_seq_one_letter_code
_entity_poly.pdbx_strand_id
1 'polypeptide(L)'
;MPKEKPHVNIVFIGHVDHGKSTTIGRLLYDTGNIPETIIKKFEEMGEKGKSFKFAWVMDRLKEERERGITIDVAHTKFET
PHRYITIIDAPGHRDFVKNMITGASQADAAVLVVAATDGVMPQTKEHAFLARTLGIKHIIVTINKMDMVNYDQKVFEKVK
AQVEKLLKTLGYKDFPVIPTSAWNGDNVVKKSDKMPWYNGPTLIEALDQIPEPEKPIDKPLRIPIQDVYSIKGVGTVPVG
RVETGKLKVGDVVIFEPASTIFHKPIQGEVKSIEMHHEPLQEALPGDNIGFNVRGVSKNDIKRGDVAGHTDKPPTVVRTK
DTFKAQIIVLNHPTAITVGYSPVLHAHTAQIPVRFEQILAKVDPRTGNIVEENPQFIKTGDSAIVVLRPMKPVVLEPVKE
IPQLGRFAIRDMGMTIAAGMVISIQKGEHHHHHH
;
A,B
2 'polypeptide(L)'
;MSDFNLVGVIRVMPTDPDVNLDELEEKLKKVIPEKYGLAKVEREPIAFGLVALKFYVLGRDEEGYSFDEVAEKFEEVENV
ESAEVETVSRI
;
C,D
#
# COMPACT_ATOMS: atom_id res chain seq x y z
N LYS A 5 6.50 -27.53 27.39
CA LYS A 5 7.76 -28.33 27.19
C LYS A 5 8.58 -27.90 25.96
N PRO A 6 8.02 -27.99 24.73
CA PRO A 6 8.79 -27.46 23.59
C PRO A 6 8.94 -25.92 23.58
N HIS A 7 10.12 -25.44 23.18
CA HIS A 7 10.41 -24.01 23.08
C HIS A 7 10.06 -23.54 21.68
N VAL A 8 9.37 -22.40 21.61
CA VAL A 8 9.07 -21.75 20.34
C VAL A 8 9.51 -20.26 20.42
N ASN A 9 10.17 -19.76 19.37
CA ASN A 9 10.64 -18.36 19.27
C ASN A 9 9.72 -17.62 18.28
N ILE A 10 9.10 -16.53 18.73
CA ILE A 10 8.09 -15.80 17.96
C ILE A 10 8.57 -14.36 17.77
N VAL A 11 8.25 -13.78 16.61
CA VAL A 11 8.64 -12.38 16.32
C VAL A 11 7.37 -11.66 15.99
N PHE A 12 7.10 -10.54 16.68
CA PHE A 12 5.96 -9.73 16.40
C PHE A 12 6.31 -8.65 15.40
N ILE A 13 5.45 -8.55 14.40
CA ILE A 13 5.70 -7.65 13.29
C ILE A 13 4.43 -6.95 12.94
N GLY A 14 4.57 -5.86 12.22
CA GLY A 14 3.45 -4.99 11.84
C GLY A 14 3.88 -3.52 11.95
N HIS A 15 2.97 -2.62 11.62
CA HIS A 15 3.22 -1.17 11.71
C HIS A 15 3.30 -0.83 13.19
N VAL A 16 4.28 -0.02 13.58
CA VAL A 16 4.61 0.22 14.98
C VAL A 16 3.55 0.94 15.83
N ASP A 17 2.56 1.52 15.17
CA ASP A 17 1.36 2.08 15.82
C ASP A 17 0.15 1.16 15.79
N HIS A 18 0.27 -0.05 15.22
CA HIS A 18 -0.90 -0.93 15.10
C HIS A 18 -1.13 -1.82 16.28
N GLY A 19 -0.32 -1.66 17.32
CA GLY A 19 -0.60 -2.29 18.61
C GLY A 19 0.13 -3.54 18.98
N LYS A 20 1.18 -3.90 18.23
CA LYS A 20 1.82 -5.18 18.44
C LYS A 20 2.51 -5.19 19.80
N SER A 21 3.06 -4.06 20.22
CA SER A 21 3.74 -4.02 21.52
C SER A 21 2.71 -4.16 22.66
N THR A 22 1.60 -3.50 22.45
CA THR A 22 0.53 -3.55 23.42
C THR A 22 0.00 -4.95 23.48
N THR A 23 -0.02 -5.63 22.31
CA THR A 23 -0.48 -7.00 22.27
C THR A 23 0.40 -7.91 23.19
N ILE A 24 1.74 -7.69 23.14
CA ILE A 24 2.70 -8.49 23.90
C ILE A 24 2.51 -8.17 25.39
N GLY A 25 2.39 -6.88 25.69
CA GLY A 25 1.99 -6.36 27.00
C GLY A 25 0.72 -7.03 27.55
N ARG A 26 -0.34 -7.06 26.74
CA ARG A 26 -1.56 -7.73 27.12
C ARG A 26 -1.36 -9.22 27.37
N LEU A 27 -0.53 -9.91 26.59
CA LEU A 27 -0.25 -11.34 26.86
C LEU A 27 0.33 -11.62 28.25
N LEU A 28 1.35 -10.85 28.59
CA LEU A 28 2.00 -10.95 29.91
C LEU A 28 1.05 -10.57 31.03
N TYR A 29 0.30 -9.49 30.83
CA TYR A 29 -0.54 -8.94 31.91
C TYR A 29 -1.70 -9.88 32.23
N ASP A 30 -2.37 -10.40 31.21
CA ASP A 30 -3.56 -11.25 31.39
C ASP A 30 -3.24 -12.72 31.69
N THR A 31 -2.00 -13.17 31.48
CA THR A 31 -1.57 -14.53 31.89
C THR A 31 -1.04 -14.50 33.31
N GLY A 32 -0.94 -13.29 33.89
CA GLY A 32 -0.45 -13.09 35.23
C GLY A 32 1.06 -13.14 35.31
N ASN A 33 1.73 -12.79 34.22
CA ASN A 33 3.19 -12.91 34.17
C ASN A 33 3.85 -11.55 34.40
N ILE A 34 3.32 -10.78 35.34
CA ILE A 34 3.93 -9.53 35.74
C ILE A 34 4.65 -9.75 37.08
N PRO A 35 5.86 -9.15 37.26
CA PRO A 35 6.60 -9.25 38.52
C PRO A 35 5.80 -8.79 39.71
N GLU A 36 5.78 -9.61 40.76
CA GLU A 36 5.06 -9.32 42.00
C GLU A 36 5.42 -7.98 42.61
N THR A 37 6.69 -7.59 42.49
CA THR A 37 7.17 -6.31 42.98
C THR A 37 6.44 -5.11 42.35
N ILE A 38 6.20 -5.19 41.04
CA ILE A 38 5.45 -4.17 40.31
C ILE A 38 3.98 -4.15 40.76
N ILE A 39 3.35 -5.32 40.81
CA ILE A 39 1.91 -5.40 41.14
C ILE A 39 1.64 -4.90 42.57
N LYS A 40 2.54 -5.20 43.50
CA LYS A 40 2.39 -4.76 44.89
C LYS A 40 2.59 -3.25 44.97
N LYS A 41 3.60 -2.71 44.28
CA LYS A 41 3.84 -1.26 44.28
C LYS A 41 2.68 -0.44 43.68
N PHE A 42 1.99 -0.97 42.66
CA PHE A 42 0.79 -0.32 42.14
C PHE A 42 -0.32 -0.21 43.20
N GLU A 43 -0.51 -1.28 43.99
CA GLU A 43 -1.57 -1.32 45.01
C GLU A 43 -1.50 -0.13 46.00
N GLU A 44 -0.30 0.42 46.24
CA GLU A 44 -0.15 1.66 47.00
C GLU A 44 -0.93 2.87 46.43
N MET A 45 -1.20 2.87 45.14
CA MET A 45 -1.90 4.02 44.52
C MET A 45 -3.42 3.99 44.72
N GLY A 46 -3.98 2.84 45.10
CA GLY A 46 -5.44 2.70 45.25
C GLY A 46 -6.11 2.72 43.88
N GLU A 47 -7.41 3.00 43.85
CA GLU A 47 -8.16 2.87 42.62
C GLU A 47 -7.77 3.90 41.60
N LYS A 48 -7.35 3.44 40.41
CA LYS A 48 -7.08 4.32 39.27
C LYS A 48 -7.87 3.98 38.01
N GLY A 49 -8.68 2.93 38.07
CA GLY A 49 -9.39 2.42 36.90
C GLY A 49 -8.52 1.39 36.22
N LYS A 50 -9.15 0.43 35.56
CA LYS A 50 -8.42 -0.67 34.86
C LYS A 50 -7.38 -0.16 33.85
N SER A 51 -7.75 0.82 33.05
CA SER A 51 -6.92 1.22 31.94
C SER A 51 -5.66 1.87 32.45
N PHE A 52 -5.78 2.78 33.43
CA PHE A 52 -4.62 3.40 34.08
C PHE A 52 -3.65 2.34 34.66
N LYS A 53 -4.20 1.34 35.36
CA LYS A 53 -3.39 0.29 35.92
C LYS A 53 -2.55 -0.49 34.84
N PHE A 54 -3.19 -1.00 33.79
CA PHE A 54 -2.47 -1.72 32.72
C PHE A 54 -1.32 -0.85 32.06
N ALA A 55 -1.63 0.43 31.84
CA ALA A 55 -0.68 1.32 31.24
C ALA A 55 0.48 1.60 32.20
N TRP A 56 0.15 1.86 33.47
CA TRP A 56 1.17 2.07 34.50
C TRP A 56 2.08 0.83 34.69
N VAL A 57 1.45 -0.32 34.72
CA VAL A 57 2.17 -1.58 34.88
C VAL A 57 3.09 -1.89 33.67
N MET A 58 2.62 -1.68 32.46
CA MET A 58 3.49 -1.88 31.32
C MET A 58 4.61 -0.86 31.29
N ASP A 59 4.36 0.36 31.76
CA ASP A 59 5.42 1.38 31.87
C ASP A 59 6.45 0.95 32.93
N ARG A 60 5.98 0.35 34.02
CA ARG A 60 6.91 -0.11 35.06
C ARG A 60 7.77 -1.28 34.57
N LEU A 61 7.19 -2.19 33.80
CA LEU A 61 7.93 -3.28 33.16
C LEU A 61 9.03 -2.80 32.24
N LYS A 62 8.76 -1.76 31.44
CA LYS A 62 9.78 -1.14 30.57
C LYS A 62 10.94 -0.53 31.38
N GLU A 63 10.63 0.21 32.43
CA GLU A 63 11.69 0.73 33.29
C GLU A 63 12.58 -0.36 33.94
N GLU A 64 11.97 -1.43 34.44
CA GLU A 64 12.76 -2.53 35.00
C GLU A 64 13.67 -3.12 33.94
N ARG A 65 13.15 -3.26 32.72
CA ARG A 65 13.97 -3.76 31.64
C ARG A 65 15.16 -2.91 31.41
N GLU A 66 14.94 -1.60 31.25
CA GLU A 66 15.99 -0.62 30.95
C GLU A 66 17.05 -0.54 32.05
N ARG A 67 16.67 -0.86 33.29
CA ARG A 67 17.64 -0.88 34.41
C ARG A 67 18.36 -2.18 34.56
N GLY A 68 18.01 -3.19 33.78
CA GLY A 68 18.62 -4.49 33.86
C GLY A 68 18.17 -5.27 35.09
N ILE A 69 16.99 -4.94 35.62
CA ILE A 69 16.38 -5.69 36.71
C ILE A 69 15.76 -6.94 36.11
N ASP A 72 14.24 -10.55 32.00
CA ASP A 72 14.51 -10.56 30.57
C ASP A 72 14.43 -9.16 29.97
N VAL A 73 15.51 -8.75 29.33
CA VAL A 73 15.62 -7.37 28.81
C VAL A 73 15.18 -7.34 27.37
N ALA A 74 15.72 -8.26 26.55
CA ALA A 74 15.52 -8.24 25.10
C ALA A 74 14.48 -9.18 24.60
N HIS A 75 13.95 -10.02 25.48
CA HIS A 75 12.93 -10.97 25.13
C HIS A 75 11.77 -10.86 26.14
N THR A 76 10.58 -11.18 25.70
CA THR A 76 9.47 -11.45 26.61
C THR A 76 9.24 -13.00 26.63
N LYS A 77 9.21 -13.57 27.83
CA LYS A 77 9.14 -15.04 28.00
C LYS A 77 7.99 -15.43 28.89
N PHE A 78 7.25 -16.46 28.50
CA PHE A 78 6.20 -17.02 29.32
C PHE A 78 5.84 -18.42 28.87
N GLU A 79 5.22 -19.15 29.79
CA GLU A 79 4.90 -20.55 29.61
C GLU A 79 3.45 -20.64 29.23
N THR A 80 3.13 -21.62 28.43
CA THR A 80 1.76 -21.91 28.07
C THR A 80 1.58 -23.41 28.47
N PRO A 81 0.36 -23.97 28.34
CA PRO A 81 0.23 -25.37 28.79
C PRO A 81 1.17 -26.34 28.07
N HIS A 82 1.32 -26.17 26.75
CA HIS A 82 2.17 -27.04 25.92
C HIS A 82 3.50 -26.45 25.40
N ARG A 83 3.90 -25.24 25.80
CA ARG A 83 5.17 -24.62 25.32
C ARG A 83 5.77 -23.53 26.21
N TYR A 84 7.09 -23.34 26.03
CA TYR A 84 7.82 -22.17 26.51
C TYR A 84 7.89 -21.20 25.30
N ILE A 85 7.44 -19.98 25.52
CA ILE A 85 7.36 -19.01 24.44
C ILE A 85 8.34 -17.90 24.76
N THR A 86 9.13 -17.57 23.76
CA THR A 86 10.03 -16.45 23.78
C THR A 86 9.61 -15.54 22.61
N ILE A 87 9.45 -14.24 22.90
CA ILE A 87 9.02 -13.22 21.96
C ILE A 87 10.05 -12.12 21.76
N ILE A 88 10.11 -11.66 20.54
CA ILE A 88 10.85 -10.53 20.08
C ILE A 88 9.87 -9.58 19.40
N ASP A 89 9.92 -8.32 19.79
CA ASP A 89 9.12 -7.27 19.22
C ASP A 89 9.96 -6.49 18.22
N ALA A 90 9.65 -6.65 16.94
CA ALA A 90 10.65 -6.39 15.90
C ALA A 90 10.70 -4.90 15.71
N PRO A 91 11.91 -4.34 15.51
CA PRO A 91 11.99 -2.92 15.18
C PRO A 91 11.35 -2.74 13.84
N GLY A 92 10.63 -1.65 13.71
CA GLY A 92 9.93 -1.30 12.49
C GLY A 92 10.74 -0.43 11.54
N HIS A 93 11.69 0.34 12.06
CA HIS A 93 12.51 1.17 11.18
C HIS A 93 13.40 0.28 10.28
N ARG A 94 13.42 0.63 9.01
CA ARG A 94 13.94 -0.23 7.93
C ARG A 94 15.45 -0.44 8.03
N ASP A 95 16.15 0.50 8.65
CA ASP A 95 17.59 0.35 8.84
C ASP A 95 17.99 -0.89 9.64
N PHE A 96 17.17 -1.27 10.64
CA PHE A 96 17.47 -2.45 11.47
C PHE A 96 17.24 -3.78 10.74
N VAL A 97 16.77 -3.75 9.48
CA VAL A 97 16.47 -5.00 8.75
C VAL A 97 17.75 -5.80 8.54
N LYS A 98 18.87 -5.12 8.30
CA LYS A 98 20.12 -5.86 8.17
C LYS A 98 20.40 -6.65 9.46
N ASN A 99 20.11 -6.06 10.64
CA ASN A 99 20.35 -6.73 11.92
C ASN A 99 19.38 -7.92 12.07
N MET A 100 18.17 -7.80 11.55
CA MET A 100 17.22 -8.93 11.59
C MET A 100 17.66 -10.13 10.74
N ILE A 101 18.15 -9.83 9.54
CA ILE A 101 18.55 -10.86 8.54
C ILE A 101 19.85 -11.60 8.93
N THR A 102 20.76 -10.83 9.49
CA THR A 102 22.13 -11.23 9.85
C THR A 102 22.27 -11.54 11.38
N GLY A 103 21.32 -11.08 12.19
CA GLY A 103 21.42 -11.11 13.66
C GLY A 103 20.56 -12.15 14.36
N ALA A 104 21.27 -13.03 15.07
CA ALA A 104 20.73 -14.14 15.88
C ALA A 104 19.48 -14.93 15.39
N SER A 105 18.67 -15.41 16.34
CA SER A 105 18.06 -16.74 16.26
C SER A 105 16.93 -16.90 15.25
N GLN A 106 16.74 -18.14 14.85
CA GLN A 106 15.58 -18.54 14.07
C GLN A 106 14.29 -18.36 14.86
N ALA A 107 13.45 -17.44 14.39
CA ALA A 107 12.01 -17.42 14.77
C ALA A 107 11.27 -18.61 14.15
N ASP A 108 10.45 -19.25 14.96
CA ASP A 108 9.61 -20.38 14.54
C ASP A 108 8.28 -19.89 13.97
N ALA A 109 7.79 -18.79 14.52
CA ALA A 109 6.56 -18.19 14.08
C ALA A 109 6.60 -16.67 14.15
N ALA A 110 5.83 -16.05 13.29
CA ALA A 110 5.62 -14.62 13.34
C ALA A 110 4.16 -14.27 13.72
N VAL A 111 3.96 -13.26 14.57
CA VAL A 111 2.64 -12.64 14.69
C VAL A 111 2.66 -11.28 13.98
N LEU A 112 1.88 -11.18 12.91
CA LEU A 112 1.76 -9.90 12.18
C LEU A 112 0.49 -9.22 12.69
N VAL A 113 0.66 -8.05 13.34
CA VAL A 113 -0.46 -7.32 13.90
C VAL A 113 -0.79 -6.17 12.95
N VAL A 114 -2.05 -6.13 12.52
CA VAL A 114 -2.53 -5.18 11.51
C VAL A 114 -3.78 -4.52 12.11
N ALA A 115 -3.82 -3.19 12.19
CA ALA A 115 -4.94 -2.49 12.77
C ALA A 115 -6.13 -2.51 11.80
N ALA A 116 -7.29 -2.89 12.32
CA ALA A 116 -8.60 -2.78 11.64
C ALA A 116 -8.86 -1.42 11.02
N THR A 117 -8.47 -0.38 11.75
CA THR A 117 -8.65 1.00 11.32
C THR A 117 -7.94 1.27 10.00
N ASP A 118 -6.61 1.34 10.03
CA ASP A 118 -5.83 1.73 8.85
C ASP A 118 -5.79 0.64 7.79
N GLY A 119 -5.97 -0.60 8.24
CA GLY A 119 -5.80 -1.79 7.41
C GLY A 119 -4.36 -1.96 6.98
N VAL A 120 -4.19 -2.65 5.86
CA VAL A 120 -2.89 -2.88 5.23
C VAL A 120 -2.21 -1.58 4.82
N MET A 121 -0.95 -1.45 5.21
CA MET A 121 -0.16 -0.25 4.99
C MET A 121 0.92 -0.55 3.95
N PRO A 122 1.57 0.49 3.38
CA PRO A 122 2.71 0.29 2.45
C PRO A 122 3.82 -0.56 3.04
N GLN A 123 3.98 -0.46 4.37
CA GLN A 123 4.90 -1.24 5.19
C GLN A 123 4.60 -2.74 5.08
N THR A 124 3.33 -3.11 5.20
CA THR A 124 2.91 -4.50 5.44
C THR A 124 3.51 -5.56 4.52
N LYS A 125 3.63 -5.25 3.22
CA LYS A 125 4.23 -6.19 2.27
C LYS A 125 5.69 -6.46 2.65
N GLU A 126 6.35 -5.42 3.18
CA GLU A 126 7.71 -5.52 3.71
C GLU A 126 7.79 -6.45 4.91
N HIS A 127 6.80 -6.35 5.80
CA HIS A 127 6.75 -7.22 6.98
C HIS A 127 6.58 -8.67 6.58
N ALA A 128 5.64 -8.94 5.68
CA ALA A 128 5.43 -10.28 5.06
C ALA A 128 6.67 -10.85 4.42
N PHE A 129 7.25 -10.09 3.50
CA PHE A 129 8.44 -10.53 2.79
C PHE A 129 9.55 -10.82 3.79
N LEU A 130 9.70 -9.95 4.78
CA LEU A 130 10.70 -10.14 5.80
C LEU A 130 10.44 -11.47 6.55
N ALA A 131 9.18 -11.80 6.84
CA ALA A 131 8.88 -13.08 7.54
C ALA A 131 9.38 -14.27 6.74
N ARG A 132 9.18 -14.23 5.44
CA ARG A 132 9.61 -15.31 4.55
C ARG A 132 11.13 -15.36 4.45
N THR A 133 11.75 -14.18 4.26
CA THR A 133 13.16 -14.05 4.10
C THR A 133 13.89 -14.67 5.28
N LEU A 134 13.42 -14.39 6.49
CA LEU A 134 13.96 -15.04 7.73
C LEU A 134 13.65 -16.55 7.87
N GLY A 135 12.93 -17.12 6.90
CA GLY A 135 12.68 -18.57 6.88
C GLY A 135 11.70 -19.05 7.93
N ILE A 136 10.79 -18.16 8.33
CA ILE A 136 9.82 -18.42 9.39
C ILE A 136 8.67 -19.27 8.86
N LYS A 137 8.52 -20.47 9.42
CA LYS A 137 7.55 -21.44 8.90
C LYS A 137 6.06 -21.06 9.08
N HIS A 138 5.69 -20.58 10.28
CA HIS A 138 4.29 -20.33 10.65
C HIS A 138 4.00 -18.84 10.93
N ILE A 139 2.90 -18.32 10.39
CA ILE A 139 2.39 -17.00 10.70
C ILE A 139 1.12 -17.13 11.57
N ILE A 140 0.89 -16.16 12.43
CA ILE A 140 -0.41 -15.94 13.05
C ILE A 140 -0.74 -14.48 12.73
N VAL A 141 -1.95 -14.22 12.24
CA VAL A 141 -2.40 -12.87 11.94
C VAL A 141 -3.36 -12.38 13.01
N THR A 142 -3.22 -11.10 13.35
CA THR A 142 -4.05 -10.47 14.33
C THR A 142 -4.60 -9.16 13.67
N ILE A 143 -5.92 -9.02 13.63
CA ILE A 143 -6.54 -7.80 13.15
C ILE A 143 -6.99 -7.04 14.41
N ASN A 144 -6.23 -6.00 14.74
CA ASN A 144 -6.24 -5.42 16.07
C ASN A 144 -6.99 -4.06 16.04
N LYS A 145 -7.32 -3.56 17.22
CA LYS A 145 -8.14 -2.37 17.40
C LYS A 145 -9.58 -2.57 16.87
N MET A 146 -10.12 -3.78 17.05
CA MET A 146 -11.52 -4.05 16.59
C MET A 146 -12.55 -3.15 17.29
N ASP A 147 -12.21 -2.62 18.47
CA ASP A 147 -13.04 -1.63 19.17
C ASP A 147 -13.24 -0.33 18.39
N MET A 148 -12.19 0.15 17.74
CA MET A 148 -12.23 1.40 16.96
C MET A 148 -13.04 1.30 15.66
N VAL A 149 -13.48 0.09 15.29
CA VAL A 149 -14.36 -0.11 14.13
C VAL A 149 -15.66 -0.85 14.56
N ASN A 150 -16.01 -0.72 15.84
CA ASN A 150 -17.25 -1.26 16.39
C ASN A 150 -17.43 -2.79 16.27
N TYR A 151 -16.34 -3.53 16.43
CA TYR A 151 -16.34 -5.01 16.39
C TYR A 151 -16.94 -5.63 15.11
N ASP A 152 -16.90 -4.87 14.01
CA ASP A 152 -17.66 -5.23 12.81
C ASP A 152 -16.99 -6.36 12.03
N GLN A 153 -17.78 -7.36 11.66
CA GLN A 153 -17.30 -8.53 10.89
C GLN A 153 -16.82 -8.17 9.49
N LYS A 154 -17.57 -7.30 8.80
CA LYS A 154 -17.29 -7.03 7.39
C LYS A 154 -16.00 -6.21 7.16
N VAL A 155 -15.56 -5.44 8.16
CA VAL A 155 -14.19 -4.85 8.12
C VAL A 155 -13.09 -5.90 8.39
N PHE A 156 -13.31 -6.76 9.39
CA PHE A 156 -12.36 -7.83 9.74
C PHE A 156 -12.05 -8.71 8.52
N GLU A 157 -13.11 -9.01 7.76
CA GLU A 157 -13.02 -9.92 6.62
C GLU A 157 -12.28 -9.30 5.44
N LYS A 158 -12.51 -8.00 5.20
CA LYS A 158 -11.76 -7.29 4.16
C LYS A 158 -10.27 -7.32 4.44
N VAL A 159 -9.87 -6.76 5.59
CA VAL A 159 -8.45 -6.70 6.01
C VAL A 159 -7.83 -8.10 6.06
N LYS A 160 -8.56 -9.09 6.58
CA LYS A 160 -8.15 -10.50 6.51
C LYS A 160 -7.84 -10.93 5.06
N ALA A 161 -8.77 -10.65 4.16
CA ALA A 161 -8.63 -11.06 2.76
C ALA A 161 -7.38 -10.49 2.08
N GLN A 162 -7.18 -9.16 2.23
CA GLN A 162 -6.01 -8.47 1.67
C GLN A 162 -4.70 -8.81 2.39
N VAL A 163 -4.76 -9.06 3.70
CA VAL A 163 -3.60 -9.57 4.45
C VAL A 163 -3.30 -10.98 3.92
N GLU A 164 -4.34 -11.74 3.62
CA GLU A 164 -4.17 -13.10 3.06
C GLU A 164 -3.44 -13.17 1.71
N LYS A 165 -3.68 -12.19 0.83
CA LYS A 165 -3.03 -12.15 -0.50
C LYS A 165 -1.52 -11.95 -0.39
N LEU A 166 -1.10 -11.03 0.47
CA LEU A 166 0.32 -10.77 0.71
C LEU A 166 1.06 -12.01 1.22
N LEU A 167 0.43 -12.70 2.17
CA LEU A 167 1.03 -13.89 2.78
C LEU A 167 0.93 -15.12 1.87
N LYS A 168 -0.20 -15.26 1.17
CA LYS A 168 -0.40 -16.27 0.11
C LYS A 168 0.63 -16.14 -1.01
N THR A 169 0.85 -14.93 -1.51
CA THR A 169 1.89 -14.68 -2.52
C THR A 169 3.26 -15.19 -2.08
N LEU A 170 3.56 -15.10 -0.77
CA LEU A 170 4.84 -15.58 -0.22
C LEU A 170 4.88 -17.07 0.09
N GLY A 171 3.74 -17.77 0.00
CA GLY A 171 3.67 -19.21 0.26
C GLY A 171 3.21 -19.57 1.66
N TYR A 172 2.60 -18.62 2.36
CA TYR A 172 1.90 -18.90 3.63
C TYR A 172 0.46 -19.27 3.28
N LYS A 173 -0.12 -20.18 4.07
CA LYS A 173 -1.53 -20.57 3.94
C LYS A 173 -2.06 -21.33 5.15
N ASP A 174 -3.39 -21.31 5.31
CA ASP A 174 -4.09 -22.00 6.40
C ASP A 174 -3.64 -21.51 7.78
N PHE A 175 -3.39 -20.20 7.90
CA PHE A 175 -2.91 -19.58 9.15
C PHE A 175 -4.06 -18.95 9.90
N PRO A 176 -3.93 -18.82 11.25
CA PRO A 176 -4.98 -18.14 12.00
C PRO A 176 -5.02 -16.63 11.74
N VAL A 177 -6.24 -16.09 11.72
CA VAL A 177 -6.47 -14.68 11.55
C VAL A 177 -7.48 -14.24 12.62
N ILE A 178 -6.99 -13.51 13.63
CA ILE A 178 -7.70 -13.38 14.92
C ILE A 178 -8.07 -11.91 15.14
N PRO A 179 -9.38 -11.62 15.31
CA PRO A 179 -9.76 -10.24 15.63
C PRO A 179 -9.53 -9.98 17.11
N THR A 180 -8.76 -8.94 17.44
CA THR A 180 -8.35 -8.70 18.82
C THR A 180 -8.54 -7.27 19.14
N SER A 181 -8.55 -6.94 20.42
CA SER A 181 -8.29 -5.57 20.90
C SER A 181 -7.28 -5.69 22.02
N ALA A 182 -6.11 -5.09 21.84
CA ALA A 182 -5.01 -5.26 22.80
C ALA A 182 -5.28 -4.41 24.05
N TRP A 183 -5.71 -3.18 23.84
CA TRP A 183 -6.10 -2.26 24.91
C TRP A 183 -7.22 -2.77 25.84
N ASN A 184 -8.27 -3.37 25.29
CA ASN A 184 -9.36 -3.95 26.11
C ASN A 184 -9.17 -5.40 26.49
N GLY A 185 -8.43 -6.16 25.67
CA GLY A 185 -8.15 -7.56 25.97
C GLY A 185 -8.77 -8.53 24.97
N ASP A 186 -9.85 -8.12 24.29
CA ASP A 186 -10.60 -9.03 23.38
C ASP A 186 -9.70 -9.99 22.61
N ASN A 187 -9.89 -11.28 22.87
CA ASN A 187 -9.28 -12.37 22.10
C ASN A 187 -7.73 -12.47 22.15
N VAL A 188 -7.09 -11.82 23.11
CA VAL A 188 -5.65 -11.97 23.25
C VAL A 188 -5.38 -13.14 24.16
N VAL A 189 -5.80 -13.04 25.42
CA VAL A 189 -5.90 -14.25 26.26
C VAL A 189 -7.37 -14.50 26.63
N LYS A 190 -8.14 -13.47 27.05
CA LYS A 190 -9.60 -13.65 27.31
C LYS A 190 -10.44 -13.69 26.03
N LYS A 191 -11.32 -14.69 25.93
CA LYS A 191 -12.25 -14.77 24.81
C LYS A 191 -13.18 -13.58 24.91
N SER A 192 -13.45 -12.96 23.77
CA SER A 192 -14.33 -11.78 23.67
C SER A 192 -15.76 -12.22 23.95
N ASP A 193 -16.58 -11.29 24.43
CA ASP A 193 -18.03 -11.40 24.32
C ASP A 193 -18.54 -10.51 23.17
N LYS A 194 -17.70 -9.61 22.65
CA LYS A 194 -18.11 -8.60 21.66
C LYS A 194 -18.11 -9.14 20.22
N MET A 195 -17.61 -10.36 20.01
CA MET A 195 -17.47 -10.91 18.66
C MET A 195 -17.87 -12.37 18.69
N PRO A 196 -19.18 -12.65 18.84
CA PRO A 196 -19.67 -14.03 18.83
C PRO A 196 -19.58 -14.64 17.44
N TRP A 197 -19.55 -13.78 16.41
CA TRP A 197 -19.28 -14.17 15.05
C TRP A 197 -17.92 -14.86 14.85
N TYR A 198 -16.96 -14.65 15.76
CA TYR A 198 -15.66 -15.33 15.71
C TYR A 198 -15.56 -16.56 16.64
N ASN A 199 -15.14 -17.71 16.08
CA ASN A 199 -14.99 -18.98 16.83
C ASN A 199 -13.60 -19.66 16.78
N GLY A 200 -12.58 -18.92 16.30
CA GLY A 200 -11.21 -19.44 16.22
C GLY A 200 -10.45 -19.32 17.53
N PRO A 201 -9.13 -19.61 17.50
CA PRO A 201 -8.43 -19.49 18.75
C PRO A 201 -8.24 -18.01 19.14
N THR A 202 -8.03 -17.80 20.44
CA THR A 202 -7.46 -16.57 20.95
C THR A 202 -5.97 -16.61 20.58
N LEU A 203 -5.29 -15.48 20.80
CA LEU A 203 -3.87 -15.37 20.42
C LEU A 203 -3.03 -16.32 21.22
N ILE A 204 -3.22 -16.37 22.53
CA ILE A 204 -2.45 -17.26 23.36
C ILE A 204 -2.71 -18.75 23.01
N GLU A 205 -3.92 -19.04 22.52
CA GLU A 205 -4.28 -20.35 21.97
C GLU A 205 -3.51 -20.63 20.70
N ALA A 206 -3.40 -19.64 19.83
CA ALA A 206 -2.60 -19.82 18.61
C ALA A 206 -1.12 -20.03 18.93
N LEU A 207 -0.58 -19.34 19.93
CA LEU A 207 0.84 -19.50 20.27
C LEU A 207 1.12 -20.90 20.75
N ASP A 208 0.21 -21.39 21.61
CA ASP A 208 0.30 -22.75 22.17
C ASP A 208 0.29 -23.83 21.08
N GLN A 209 -0.40 -23.56 19.97
CA GLN A 209 -0.56 -24.51 18.89
C GLN A 209 0.46 -24.33 17.74
N ILE A 210 1.52 -23.54 17.95
CA ILE A 210 2.62 -23.46 16.94
C ILE A 210 3.33 -24.80 16.92
N PRO A 211 3.54 -25.39 15.71
CA PRO A 211 4.20 -26.69 15.71
C PRO A 211 5.63 -26.68 16.30
N GLU A 212 5.94 -27.71 17.07
CA GLU A 212 7.26 -27.91 17.69
C GLU A 212 8.35 -27.84 16.63
N PRO A 213 9.45 -27.12 16.87
CA PRO A 213 10.34 -26.91 15.72
C PRO A 213 11.21 -28.14 15.38
N GLU A 214 11.40 -28.42 14.10
CA GLU A 214 12.32 -29.46 13.65
C GLU A 214 13.64 -28.78 13.29
N LYS A 215 14.68 -28.95 14.10
CA LYS A 215 16.04 -28.53 13.74
C LYS A 215 16.52 -29.14 12.40
N PRO A 216 17.04 -28.29 11.46
CA PRO A 216 17.43 -28.87 10.16
C PRO A 216 18.71 -29.76 10.16
N ILE A 217 18.60 -30.94 10.78
CA ILE A 217 19.72 -31.85 10.96
C ILE A 217 19.94 -32.73 9.71
N ASP A 218 18.85 -32.96 8.99
CA ASP A 218 18.84 -33.56 7.67
C ASP A 218 19.58 -32.74 6.59
N LYS A 219 19.75 -31.43 6.76
CA LYS A 219 20.38 -30.61 5.71
C LYS A 219 21.92 -30.73 5.74
N PRO A 220 22.59 -30.47 4.61
CA PRO A 220 24.07 -30.41 4.66
C PRO A 220 24.57 -29.49 5.80
N LEU A 221 25.63 -29.92 6.50
CA LEU A 221 26.30 -29.09 7.52
C LEU A 221 26.73 -27.76 6.97
N ARG A 222 26.32 -26.69 7.63
CA ARG A 222 26.82 -25.38 7.37
C ARG A 222 27.06 -24.65 8.65
N ILE A 223 28.30 -24.17 8.81
CA ILE A 223 28.69 -23.31 9.95
C ILE A 223 29.39 -22.10 9.42
N PRO A 224 28.68 -20.96 9.33
CA PRO A 224 29.29 -19.69 9.06
C PRO A 224 30.20 -19.29 10.22
N ILE A 225 31.41 -18.85 9.86
CA ILE A 225 32.45 -18.57 10.84
C ILE A 225 32.38 -17.14 11.23
N GLN A 226 32.38 -16.88 12.55
CA GLN A 226 32.26 -15.53 13.07
C GLN A 226 33.65 -14.97 13.40
N ASP A 227 34.43 -15.78 14.09
CA ASP A 227 35.81 -15.46 14.43
C ASP A 227 36.68 -16.71 14.36
N VAL A 228 37.99 -16.48 14.41
CA VAL A 228 39.01 -17.46 14.20
C VAL A 228 40.19 -17.17 15.15
N TYR A 229 40.53 -18.16 15.98
CA TYR A 229 41.57 -18.04 16.96
C TYR A 229 42.68 -19.09 16.85
N SER A 230 43.85 -18.71 17.34
CA SER A 230 44.91 -19.63 17.65
C SER A 230 45.02 -19.67 19.15
N ILE A 231 44.71 -20.83 19.71
CA ILE A 231 44.70 -21.03 21.13
C ILE A 231 45.89 -21.89 21.53
N LYS A 232 46.75 -21.31 22.37
CA LYS A 232 47.96 -22.01 22.87
C LYS A 232 47.63 -23.40 23.47
N GLY A 233 48.30 -24.44 23.02
CA GLY A 233 48.06 -25.82 23.46
C GLY A 233 46.92 -26.57 22.81
N VAL A 234 46.05 -25.89 22.03
CA VAL A 234 44.99 -26.60 21.33
C VAL A 234 45.07 -26.42 19.83
N GLY A 235 45.32 -25.18 19.36
CA GLY A 235 45.52 -24.90 17.95
C GLY A 235 44.45 -23.96 17.35
N THR A 236 44.03 -24.26 16.11
CA THR A 236 43.15 -23.38 15.34
C THR A 236 41.71 -23.65 15.78
N VAL A 237 41.09 -22.59 16.25
CA VAL A 237 39.68 -22.63 16.68
C VAL A 237 38.77 -21.60 15.96
N PRO A 238 38.05 -22.04 14.91
CA PRO A 238 36.90 -21.29 14.45
C PRO A 238 35.80 -21.23 15.52
N VAL A 239 35.10 -20.10 15.53
CA VAL A 239 33.87 -19.87 16.34
C VAL A 239 32.73 -19.50 15.40
N GLY A 240 31.69 -20.31 15.44
CA GLY A 240 30.45 -20.02 14.65
C GLY A 240 29.23 -20.76 15.15
N ARG A 241 28.05 -20.38 14.64
CA ARG A 241 26.80 -21.17 14.92
C ARG A 241 26.49 -22.12 13.81
N VAL A 242 26.23 -23.39 14.15
CA VAL A 242 25.77 -24.36 13.20
C VAL A 242 24.38 -23.91 12.81
N GLU A 243 24.15 -23.88 11.51
CA GLU A 243 22.91 -23.43 10.97
C GLU A 243 22.12 -24.65 10.52
N THR A 244 22.81 -25.57 9.86
CA THR A 244 22.17 -26.76 9.35
C THR A 244 23.08 -27.92 9.60
N GLY A 245 22.53 -29.12 9.54
CA GLY A 245 23.30 -30.33 9.69
C GLY A 245 23.81 -30.51 11.12
N LYS A 246 24.81 -31.38 11.29
CA LYS A 246 25.37 -31.73 12.59
C LYS A 246 26.88 -31.90 12.46
N LEU A 247 27.61 -31.43 13.45
CA LEU A 247 29.07 -31.56 13.50
C LEU A 247 29.41 -32.51 14.64
N LYS A 248 30.05 -33.62 14.32
CA LYS A 248 30.54 -34.58 15.35
C LYS A 248 32.06 -34.55 15.42
N VAL A 249 32.58 -34.73 16.64
CA VAL A 249 34.02 -34.92 16.87
C VAL A 249 34.53 -36.01 15.95
N GLY A 250 35.69 -35.75 15.36
CA GLY A 250 36.24 -36.62 14.36
C GLY A 250 35.80 -36.36 12.92
N ASP A 251 34.73 -35.58 12.70
CA ASP A 251 34.36 -35.20 11.34
C ASP A 251 35.50 -34.43 10.66
N VAL A 252 35.59 -34.57 9.34
CA VAL A 252 36.42 -33.68 8.55
C VAL A 252 35.53 -32.53 8.01
N VAL A 253 36.01 -31.30 8.14
CA VAL A 253 35.34 -30.16 7.54
C VAL A 253 36.23 -29.34 6.61
N ILE A 254 35.58 -28.76 5.61
CA ILE A 254 36.25 -27.90 4.65
C ILE A 254 35.64 -26.51 4.76
N PHE A 255 36.50 -25.49 4.56
CA PHE A 255 36.10 -24.09 4.61
C PHE A 255 36.06 -23.49 3.19
N GLU A 256 34.98 -22.81 2.93
CA GLU A 256 34.77 -22.01 1.73
C GLU A 256 34.34 -20.61 2.11
N PRO A 257 34.68 -19.58 1.35
CA PRO A 257 35.38 -19.68 0.03
C PRO A 257 36.91 -19.75 0.13
N ALA A 258 37.45 -19.87 1.35
CA ALA A 258 38.91 -20.08 1.57
C ALA A 258 39.53 -21.04 0.56
N SER A 259 38.95 -22.25 0.46
CA SER A 259 39.49 -23.29 -0.41
C SER A 259 39.50 -22.88 -1.90
N THR A 260 38.40 -22.34 -2.39
CA THR A 260 38.35 -21.75 -3.75
C THR A 260 39.39 -20.60 -3.92
N ILE A 261 39.41 -19.63 -3.03
CA ILE A 261 40.35 -18.53 -3.08
C ILE A 261 41.82 -18.98 -3.14
N PHE A 262 42.19 -19.97 -2.33
CA PHE A 262 43.57 -20.43 -2.22
C PHE A 262 43.90 -21.57 -3.17
N HIS A 263 42.92 -22.06 -3.93
CA HIS A 263 43.08 -23.20 -4.84
C HIS A 263 43.61 -24.44 -4.16
N LYS A 264 43.08 -24.77 -2.98
CA LYS A 264 43.41 -26.03 -2.32
C LYS A 264 42.48 -26.30 -1.17
N PRO A 265 42.43 -27.57 -0.71
CA PRO A 265 41.56 -27.84 0.43
C PRO A 265 42.11 -27.14 1.65
N ILE A 266 41.32 -26.22 2.22
CA ILE A 266 41.55 -25.67 3.56
C ILE A 266 40.54 -26.47 4.42
N GLN A 267 41.05 -27.56 4.98
CA GLN A 267 40.22 -28.55 5.60
C GLN A 267 41.01 -29.30 6.64
N GLY A 268 40.30 -29.94 7.56
CA GLY A 268 40.93 -30.92 8.47
C GLY A 268 39.97 -31.47 9.49
N GLU A 269 40.52 -32.18 10.48
CA GLU A 269 39.74 -33.01 11.37
C GLU A 269 39.28 -32.23 12.60
N VAL A 270 38.03 -32.41 12.99
CA VAL A 270 37.50 -31.79 14.22
C VAL A 270 37.86 -32.57 15.50
N LYS A 271 38.69 -31.99 16.38
CA LYS A 271 39.24 -32.71 17.53
C LYS A 271 38.41 -32.58 18.81
N SER A 272 37.90 -31.37 19.03
CA SER A 272 36.97 -31.08 20.10
C SER A 272 36.07 -29.89 19.75
N ILE A 273 34.94 -29.85 20.45
CA ILE A 273 33.88 -28.89 20.25
C ILE A 273 33.47 -28.39 21.62
N GLU A 274 33.39 -27.09 21.80
CA GLU A 274 32.84 -26.53 23.00
C GLU A 274 31.69 -25.56 22.78
N MET A 275 30.69 -25.69 23.65
CA MET A 275 29.61 -24.74 23.75
C MET A 275 29.50 -24.33 25.22
N HIS A 276 29.45 -23.04 25.48
CA HIS A 276 29.45 -22.48 26.84
C HIS A 276 30.61 -23.08 27.66
N HIS A 277 31.78 -23.28 27.03
CA HIS A 277 32.95 -23.85 27.67
C HIS A 277 32.84 -25.35 28.15
N GLU A 278 31.85 -26.06 27.64
CA GLU A 278 31.63 -27.47 27.90
C GLU A 278 31.83 -28.27 26.64
N PRO A 279 32.61 -29.36 26.73
CA PRO A 279 32.78 -30.19 25.54
C PRO A 279 31.48 -30.87 25.08
N LEU A 280 31.32 -30.93 23.77
CA LEU A 280 30.20 -31.56 23.13
C LEU A 280 30.79 -32.63 22.24
N GLN A 281 30.05 -33.73 22.06
CA GLN A 281 30.45 -34.75 21.11
C GLN A 281 29.80 -34.46 19.77
N GLU A 282 28.60 -33.90 19.81
CA GLU A 282 28.07 -33.33 18.62
C GLU A 282 27.34 -32.01 18.83
N ALA A 283 27.43 -31.17 17.79
CA ALA A 283 26.78 -29.83 17.73
C ALA A 283 25.60 -29.82 16.75
N LEU A 284 24.49 -29.19 17.10
CA LEU A 284 23.27 -29.24 16.27
C LEU A 284 22.87 -27.83 15.84
N PRO A 285 21.85 -27.72 14.97
CA PRO A 285 21.48 -26.38 14.53
C PRO A 285 21.13 -25.44 15.69
N GLY A 286 21.66 -24.22 15.69
CA GLY A 286 21.51 -23.31 16.79
C GLY A 286 22.60 -23.28 17.86
N ASP A 287 23.46 -24.29 17.91
CA ASP A 287 24.58 -24.25 18.87
C ASP A 287 25.69 -23.32 18.41
N ASN A 288 26.06 -22.36 19.26
CA ASN A 288 27.19 -21.43 19.02
C ASN A 288 28.43 -22.02 19.69
N ILE A 289 29.37 -22.42 18.86
CA ILE A 289 30.46 -23.29 19.28
C ILE A 289 31.77 -22.73 18.86
N GLY A 290 32.78 -23.11 19.64
CA GLY A 290 34.15 -23.08 19.21
C GLY A 290 34.51 -24.51 18.93
N PHE A 291 35.30 -24.74 17.89
CA PHE A 291 35.82 -26.07 17.62
C PHE A 291 37.27 -26.03 17.12
N ASN A 292 38.03 -27.00 17.60
CA ASN A 292 39.46 -27.25 17.22
C ASN A 292 39.60 -28.12 15.96
N VAL A 293 40.08 -27.51 14.85
CA VAL A 293 40.25 -28.21 13.56
C VAL A 293 41.75 -28.37 13.37
N ARG A 294 42.18 -29.62 13.22
CA ARG A 294 43.60 -29.90 13.06
C ARG A 294 44.03 -29.71 11.60
N GLY A 295 45.26 -29.26 11.39
CA GLY A 295 45.83 -29.13 10.03
C GLY A 295 45.40 -27.89 9.24
N VAL A 296 44.66 -26.98 9.86
CA VAL A 296 44.25 -25.73 9.20
C VAL A 296 44.90 -24.57 9.94
N SER A 297 45.57 -23.72 9.18
CA SER A 297 46.17 -22.51 9.68
C SER A 297 45.10 -21.50 10.03
N LYS A 298 45.31 -20.81 11.15
CA LYS A 298 44.54 -19.66 11.56
C LYS A 298 44.51 -18.56 10.46
N ASN A 299 45.56 -18.44 9.67
CA ASN A 299 45.60 -17.41 8.65
C ASN A 299 44.75 -17.77 7.43
N ASP A 300 44.38 -19.03 7.29
CA ASP A 300 43.71 -19.51 6.07
C ASP A 300 42.18 -19.45 6.15
N ILE A 301 41.67 -19.08 7.32
CA ILE A 301 40.23 -18.98 7.53
C ILE A 301 39.91 -17.68 8.26
N LYS A 302 38.77 -17.06 7.93
CA LYS A 302 38.34 -15.86 8.60
C LYS A 302 36.82 -15.78 8.66
N ARG A 303 36.35 -14.74 9.32
CA ARG A 303 34.96 -14.37 9.34
C ARG A 303 34.37 -14.37 7.92
N GLY A 304 33.22 -15.01 7.77
CA GLY A 304 32.56 -15.11 6.46
C GLY A 304 32.83 -16.39 5.70
N ASP A 305 33.89 -17.07 6.05
CA ASP A 305 34.07 -18.47 5.58
C ASP A 305 32.99 -19.27 6.28
N VAL A 306 32.72 -20.43 5.71
CA VAL A 306 31.70 -21.33 6.16
C VAL A 306 32.29 -22.71 6.10
N ALA A 307 32.09 -23.46 7.19
CA ALA A 307 32.42 -24.89 7.27
C ALA A 307 31.31 -25.79 6.76
N GLY A 308 31.74 -26.88 6.13
CA GLY A 308 30.90 -27.87 5.52
C GLY A 308 31.62 -29.22 5.55
N HIS A 309 30.86 -30.29 5.42
CA HIS A 309 31.50 -31.60 5.22
C HIS A 309 32.03 -31.66 3.80
N THR A 310 33.02 -32.52 3.58
CA THR A 310 33.72 -32.58 2.28
C THR A 310 32.87 -33.16 1.15
N ASP A 311 31.97 -34.06 1.49
CA ASP A 311 30.95 -34.59 0.56
C ASP A 311 29.90 -33.56 0.14
N LYS A 312 29.56 -32.62 1.01
CA LYS A 312 28.57 -31.59 0.69
C LYS A 312 29.10 -30.21 1.09
N PRO A 313 30.11 -29.72 0.34
CA PRO A 313 30.81 -28.51 0.75
C PRO A 313 30.00 -27.25 0.43
N PRO A 314 30.29 -26.14 1.12
CA PRO A 314 29.46 -24.96 0.92
C PRO A 314 29.62 -24.40 -0.49
N THR A 315 28.51 -23.94 -1.03
CA THR A 315 28.45 -23.55 -2.43
C THR A 315 29.10 -22.18 -2.49
N VAL A 316 30.10 -22.03 -3.35
CA VAL A 316 30.75 -20.78 -3.56
C VAL A 316 30.24 -20.10 -4.85
N VAL A 317 29.90 -18.82 -4.74
CA VAL A 317 29.57 -17.99 -5.90
C VAL A 317 30.80 -17.09 -6.10
N ARG A 318 31.52 -17.32 -7.19
CA ARG A 318 32.76 -16.61 -7.52
C ARG A 318 32.41 -15.33 -8.29
N THR A 319 33.41 -14.47 -8.55
CA THR A 319 33.25 -13.35 -9.45
C THR A 319 32.81 -13.80 -10.86
N LYS A 320 33.42 -14.87 -11.37
CA LYS A 320 33.02 -15.50 -12.68
C LYS A 320 31.53 -15.99 -12.76
N ASP A 321 30.86 -16.11 -11.62
CA ASP A 321 29.46 -16.56 -11.54
C ASP A 321 28.52 -15.41 -11.24
N THR A 322 27.22 -15.71 -11.31
CA THR A 322 26.17 -14.82 -10.85
C THR A 322 25.07 -15.61 -10.14
N PHE A 323 24.20 -14.91 -9.41
CA PHE A 323 23.02 -15.55 -8.84
C PHE A 323 21.77 -14.72 -9.09
N LYS A 324 20.63 -15.41 -9.22
CA LYS A 324 19.34 -14.75 -9.27
C LYS A 324 18.74 -14.56 -7.90
N ALA A 325 18.17 -13.39 -7.67
CA ALA A 325 17.56 -13.07 -6.39
C ALA A 325 16.20 -12.43 -6.54
N GLN A 326 15.41 -12.59 -5.48
CA GLN A 326 14.21 -11.84 -5.29
C GLN A 326 14.38 -10.87 -4.16
N ILE A 327 14.24 -9.57 -4.48
CA ILE A 327 14.35 -8.53 -3.46
C ILE A 327 13.14 -7.66 -3.20
N ILE A 328 13.18 -6.99 -2.07
CA ILE A 328 12.29 -5.86 -1.86
C ILE A 328 13.22 -4.69 -1.68
N VAL A 329 12.97 -3.62 -2.44
CA VAL A 329 13.71 -2.39 -2.26
C VAL A 329 13.08 -1.63 -1.10
N LEU A 330 13.86 -1.50 -0.03
CA LEU A 330 13.41 -0.90 1.19
C LEU A 330 13.59 0.60 1.15
N ASN A 331 14.75 1.06 0.66
CA ASN A 331 15.01 2.48 0.56
C ASN A 331 16.15 2.78 -0.40
N HIS A 332 15.94 3.76 -1.29
CA HIS A 332 17.04 4.23 -2.12
C HIS A 332 16.72 5.68 -2.50
N PRO A 333 17.69 6.61 -2.38
CA PRO A 333 17.43 8.03 -2.62
C PRO A 333 17.14 8.40 -4.06
N THR A 334 17.59 7.58 -5.01
CA THR A 334 17.24 7.79 -6.42
C THR A 334 16.55 6.55 -7.01
N ALA A 335 17.28 5.64 -7.64
CA ALA A 335 16.70 4.50 -8.30
C ALA A 335 17.81 3.53 -8.57
N ILE A 336 17.53 2.22 -8.50
CA ILE A 336 18.55 1.22 -8.79
C ILE A 336 18.55 0.86 -10.27
N THR A 337 19.75 0.79 -10.84
CA THR A 337 19.97 0.53 -12.25
C THR A 337 21.10 -0.47 -12.39
N VAL A 338 21.21 -1.08 -13.57
CA VAL A 338 22.28 -2.02 -13.87
C VAL A 338 23.63 -1.33 -13.64
N GLY A 339 24.50 -2.00 -12.90
CA GLY A 339 25.77 -1.42 -12.53
C GLY A 339 25.84 -0.92 -11.11
N TYR A 340 24.71 -0.67 -10.49
CA TYR A 340 24.66 -0.39 -9.06
C TYR A 340 25.47 -1.46 -8.31
N SER A 341 26.31 -0.96 -7.40
CA SER A 341 27.33 -1.80 -6.75
C SER A 341 27.41 -1.55 -5.25
N PRO A 342 26.37 -2.01 -4.54
CA PRO A 342 26.36 -1.89 -3.08
C PRO A 342 27.07 -3.10 -2.40
N VAL A 343 26.90 -3.25 -1.08
CA VAL A 343 27.49 -4.33 -0.29
C VAL A 343 26.38 -5.29 0.17
N LEU A 344 26.63 -6.57 -0.05
CA LEU A 344 25.72 -7.62 0.32
C LEU A 344 26.23 -8.20 1.65
N HIS A 345 25.31 -8.38 2.58
CA HIS A 345 25.60 -8.96 3.90
C HIS A 345 24.74 -10.19 3.98
N ALA A 346 25.37 -11.34 4.12
CA ALA A 346 24.66 -12.61 4.37
C ALA A 346 25.45 -13.44 5.38
N HIS A 347 24.74 -14.15 6.24
CA HIS A 347 25.28 -14.87 7.38
C HIS A 347 26.41 -14.06 8.03
N THR A 348 27.65 -14.53 7.98
CA THR A 348 28.72 -13.79 8.54
C THR A 348 29.57 -13.13 7.45
N ALA A 349 29.17 -13.19 6.17
CA ALA A 349 29.98 -12.62 5.07
C ALA A 349 29.50 -11.25 4.70
N GLN A 350 30.40 -10.43 4.18
CA GLN A 350 29.98 -9.25 3.41
C GLN A 350 30.87 -9.01 2.22
N ILE A 351 30.25 -8.74 1.09
CA ILE A 351 30.98 -8.62 -0.16
C ILE A 351 30.36 -7.57 -1.08
N PRO A 352 31.18 -6.83 -1.81
CA PRO A 352 30.57 -6.04 -2.86
C PRO A 352 29.89 -6.90 -3.94
N VAL A 353 28.69 -6.45 -4.36
CA VAL A 353 27.94 -7.04 -5.46
C VAL A 353 27.61 -5.97 -6.54
N ARG A 354 27.34 -6.47 -7.73
CA ARG A 354 27.02 -5.71 -8.94
C ARG A 354 25.66 -6.11 -9.44
N PHE A 355 24.75 -5.17 -9.65
CA PHE A 355 23.46 -5.50 -10.28
C PHE A 355 23.69 -5.64 -11.77
N GLU A 356 23.65 -6.88 -12.27
CA GLU A 356 23.94 -7.22 -13.68
C GLU A 356 22.71 -7.09 -14.56
N GLN A 357 21.56 -7.47 -14.03
CA GLN A 357 20.31 -7.28 -14.77
C GLN A 357 19.16 -7.10 -13.82
N ILE A 358 18.12 -6.46 -14.30
CA ILE A 358 16.87 -6.40 -13.61
C ILE A 358 15.88 -7.06 -14.54
N LEU A 359 15.50 -8.28 -14.16
CA LEU A 359 14.67 -9.14 -14.97
C LEU A 359 13.21 -8.80 -14.89
N ALA A 360 12.73 -8.41 -13.71
CA ALA A 360 11.30 -8.21 -13.54
C ALA A 360 10.93 -7.38 -12.30
N LYS A 361 9.80 -6.70 -12.42
CA LYS A 361 9.12 -6.03 -11.32
C LYS A 361 7.95 -6.96 -11.00
N VAL A 362 7.75 -7.21 -9.72
CA VAL A 362 6.81 -8.25 -9.27
C VAL A 362 5.71 -7.59 -8.49
N ASP A 363 4.52 -8.20 -8.51
CA ASP A 363 3.39 -7.72 -7.72
C ASP A 363 3.31 -8.50 -6.42
N PRO A 364 3.63 -7.85 -5.28
CA PRO A 364 3.62 -8.60 -4.01
C PRO A 364 2.20 -9.04 -3.60
N ARG A 365 1.17 -8.45 -4.17
CA ARG A 365 -0.20 -8.96 -3.97
C ARG A 365 -0.48 -10.29 -4.71
N THR A 366 0.00 -10.48 -5.95
CA THR A 366 -0.20 -11.76 -6.69
C THR A 366 1.03 -12.67 -6.88
N GLY A 367 2.24 -12.11 -6.78
CA GLY A 367 3.48 -12.81 -7.12
C GLY A 367 3.82 -12.85 -8.61
N ASN A 368 3.10 -12.07 -9.44
CA ASN A 368 3.24 -12.18 -10.90
C ASN A 368 4.09 -11.05 -11.52
N ILE A 369 4.92 -11.41 -12.50
CA ILE A 369 5.71 -10.45 -13.27
C ILE A 369 4.79 -9.36 -13.79
N VAL A 370 5.04 -8.11 -13.40
CA VAL A 370 4.29 -6.96 -13.89
C VAL A 370 5.05 -6.18 -14.95
N GLU A 371 6.37 -6.29 -14.98
CA GLU A 371 7.12 -5.69 -16.07
C GLU A 371 8.42 -6.44 -16.22
N GLU A 372 8.66 -7.02 -17.40
CA GLU A 372 9.93 -7.62 -17.72
C GLU A 372 10.92 -6.52 -18.04
N ASN A 373 12.15 -6.69 -17.55
CA ASN A 373 13.30 -5.84 -17.88
C ASN A 373 13.09 -4.36 -17.62
N PRO A 374 12.75 -3.98 -16.37
CA PRO A 374 12.53 -2.55 -16.12
C PRO A 374 13.82 -1.76 -16.19
N GLN A 375 13.68 -0.47 -16.46
CA GLN A 375 14.81 0.39 -16.71
C GLN A 375 15.49 0.71 -15.35
N PHE A 376 14.69 0.72 -14.30
CA PHE A 376 15.20 0.81 -12.94
C PHE A 376 14.12 0.34 -12.00
N ILE A 377 14.52 0.21 -10.75
CA ILE A 377 13.60 0.05 -9.63
C ILE A 377 13.96 1.06 -8.52
N LYS A 378 12.98 1.27 -7.64
CA LYS A 378 13.05 2.23 -6.55
C LYS A 378 12.30 1.74 -5.28
N THR A 379 12.24 2.57 -4.25
CA THR A 379 11.77 2.29 -2.92
C THR A 379 10.39 1.74 -2.97
N GLY A 380 10.20 0.59 -2.34
CA GLY A 380 8.97 -0.14 -2.37
C GLY A 380 8.74 -1.08 -3.53
N ASP A 381 9.62 -1.17 -4.52
CA ASP A 381 9.45 -2.18 -5.56
C ASP A 381 9.89 -3.55 -5.07
N SER A 382 9.18 -4.58 -5.54
CA SER A 382 9.55 -5.96 -5.38
C SER A 382 10.06 -6.33 -6.73
N ALA A 383 11.17 -7.06 -6.76
CA ALA A 383 11.85 -7.37 -8.02
C ALA A 383 12.72 -8.62 -8.04
N ILE A 384 12.98 -9.06 -9.26
CA ILE A 384 13.82 -10.16 -9.57
C ILE A 384 15.03 -9.59 -10.31
N VAL A 385 16.21 -9.76 -9.69
CA VAL A 385 17.49 -9.24 -10.20
C VAL A 385 18.51 -10.33 -10.39
N VAL A 386 19.55 -10.01 -11.15
CA VAL A 386 20.71 -10.92 -11.30
C VAL A 386 21.98 -10.20 -10.80
N LEU A 387 22.63 -10.79 -9.79
CA LEU A 387 23.74 -10.17 -9.07
C LEU A 387 25.04 -10.90 -9.33
N ARG A 388 26.15 -10.19 -9.27
CA ARG A 388 27.45 -10.77 -9.47
C ARG A 388 28.32 -10.39 -8.27
N PRO A 389 28.81 -11.37 -7.51
CA PRO A 389 29.64 -11.02 -6.37
C PRO A 389 31.00 -10.52 -6.87
N MET A 390 31.47 -9.40 -6.31
CA MET A 390 32.78 -8.83 -6.68
C MET A 390 33.96 -9.38 -5.90
N LYS A 391 33.65 -10.21 -4.91
CA LYS A 391 34.59 -11.09 -4.22
C LYS A 391 33.79 -12.39 -3.91
N PRO A 392 34.44 -13.56 -3.88
CA PRO A 392 33.61 -14.78 -3.77
C PRO A 392 32.85 -14.79 -2.47
N VAL A 393 31.73 -15.51 -2.47
CA VAL A 393 30.90 -15.64 -1.28
C VAL A 393 30.18 -16.97 -1.26
N VAL A 394 29.92 -17.45 -0.03
CA VAL A 394 29.08 -18.58 0.17
C VAL A 394 27.63 -18.14 0.24
N LEU A 395 26.80 -18.68 -0.67
CA LEU A 395 25.34 -18.50 -0.64
C LEU A 395 24.70 -19.77 -1.16
N GLU A 396 23.46 -20.07 -0.73
CA GLU A 396 22.75 -21.24 -1.16
C GLU A 396 21.38 -20.89 -1.70
N PRO A 397 20.88 -21.61 -2.73
CA PRO A 397 19.45 -21.32 -3.09
C PRO A 397 18.53 -21.47 -1.88
N VAL A 398 17.61 -20.53 -1.68
CA VAL A 398 16.78 -20.56 -0.48
C VAL A 398 15.91 -21.78 -0.30
N LYS A 399 15.58 -22.48 -1.40
CA LYS A 399 14.78 -23.71 -1.31
C LYS A 399 15.62 -24.90 -0.88
N GLU A 400 16.95 -24.82 -0.99
CA GLU A 400 17.84 -25.89 -0.54
C GLU A 400 18.29 -25.62 0.89
N ILE A 401 18.93 -24.46 1.10
CA ILE A 401 19.42 -24.07 2.43
C ILE A 401 18.98 -22.65 2.72
N PRO A 402 17.75 -22.46 3.24
CA PRO A 402 17.27 -21.11 3.49
C PRO A 402 18.16 -20.22 4.40
N GLN A 403 18.81 -20.85 5.37
CA GLN A 403 19.68 -20.16 6.34
C GLN A 403 20.84 -19.41 5.71
N LEU A 404 21.30 -19.88 4.55
CA LEU A 404 22.41 -19.26 3.83
C LEU A 404 21.93 -18.68 2.45
N GLY A 405 20.59 -18.52 2.33
CA GLY A 405 19.92 -17.92 1.16
C GLY A 405 19.29 -16.53 1.34
N ARG A 406 19.45 -15.96 2.53
CA ARG A 406 18.88 -14.67 2.84
C ARG A 406 19.97 -13.61 2.88
N PHE A 407 19.66 -12.44 2.34
CA PHE A 407 20.60 -11.36 2.44
C PHE A 407 19.98 -9.98 2.62
N ALA A 408 20.82 -9.07 3.09
CA ALA A 408 20.50 -7.68 3.12
C ALA A 408 21.48 -6.94 2.18
N ILE A 409 21.04 -5.80 1.63
CA ILE A 409 21.90 -4.93 0.82
C ILE A 409 22.07 -3.65 1.62
N ARG A 410 23.32 -3.22 1.74
CA ARG A 410 23.66 -1.98 2.44
C ARG A 410 24.33 -1.03 1.48
N ASP A 411 24.12 0.27 1.65
CA ASP A 411 24.84 1.26 0.85
C ASP A 411 24.64 2.63 1.46
N MET A 412 25.58 3.53 1.25
CA MET A 412 25.47 4.91 1.76
C MET A 412 24.95 4.93 3.19
N GLY A 413 25.44 4.01 4.02
CA GLY A 413 25.06 3.94 5.42
C GLY A 413 23.77 3.22 5.76
N MET A 414 22.86 3.01 4.80
CA MET A 414 21.46 2.57 5.05
C MET A 414 21.15 1.21 4.42
N THR A 415 20.10 0.53 4.89
CA THR A 415 19.66 -0.74 4.33
C THR A 415 18.75 -0.53 3.10
N ILE A 416 19.23 -1.02 1.96
CA ILE A 416 18.62 -0.74 0.65
C ILE A 416 17.59 -1.76 0.29
N ALA A 417 17.95 -3.00 0.45
CA ALA A 417 17.12 -4.07 0.01
C ALA A 417 17.28 -5.23 0.97
N ALA A 418 16.27 -6.05 1.00
CA ALA A 418 16.45 -7.40 1.55
C ALA A 418 16.17 -8.35 0.42
N GLY A 419 16.84 -9.49 0.43
CA GLY A 419 16.72 -10.43 -0.64
C GLY A 419 16.74 -11.88 -0.26
N MET A 420 16.30 -12.67 -1.21
CA MET A 420 16.38 -14.12 -1.13
C MET A 420 17.06 -14.63 -2.38
N VAL A 421 17.92 -15.65 -2.22
CA VAL A 421 18.74 -16.22 -3.31
C VAL A 421 17.90 -17.29 -3.99
N ILE A 422 17.47 -17.04 -5.22
CA ILE A 422 16.65 -18.01 -5.97
C ILE A 422 17.50 -19.13 -6.54
N SER A 423 18.56 -18.77 -7.24
CA SER A 423 19.39 -19.73 -8.01
C SER A 423 20.77 -19.14 -8.34
N ILE A 424 21.72 -20.01 -8.71
CA ILE A 424 23.13 -19.67 -8.91
C ILE A 424 23.56 -20.20 -10.28
N GLN A 425 24.14 -19.33 -11.11
CA GLN A 425 24.56 -19.73 -12.45
C GLN A 425 26.08 -19.66 -12.53
N LYS A 426 26.73 -20.81 -12.73
CA LYS A 426 28.17 -20.86 -12.95
C LYS A 426 28.50 -20.31 -14.33
N GLY A 427 29.52 -19.44 -14.37
CA GLY A 427 29.99 -18.82 -15.62
C GLY A 427 31.47 -19.05 -15.79
N LYS B 5 -8.36 26.24 -29.58
CA LYS B 5 -9.21 27.27 -28.86
C LYS B 5 -10.42 26.65 -28.14
N PRO B 6 -11.17 25.72 -28.78
CA PRO B 6 -12.16 24.92 -28.03
C PRO B 6 -11.57 23.89 -27.05
N HIS B 7 -11.97 23.99 -25.79
CA HIS B 7 -11.49 23.13 -24.71
C HIS B 7 -12.28 21.82 -24.74
N VAL B 8 -11.57 20.70 -24.64
CA VAL B 8 -12.22 19.37 -24.55
C VAL B 8 -11.66 18.63 -23.30
N ASN B 9 -12.57 18.07 -22.49
CA ASN B 9 -12.24 17.21 -21.33
C ASN B 9 -12.32 15.72 -21.69
N ILE B 10 -11.21 15.01 -21.49
CA ILE B 10 -11.06 13.63 -21.86
C ILE B 10 -10.78 12.78 -20.61
N VAL B 11 -11.39 11.59 -20.58
CA VAL B 11 -11.10 10.58 -19.53
C VAL B 11 -10.60 9.26 -20.15
N PHE B 12 -9.47 8.75 -19.64
CA PHE B 12 -8.81 7.58 -20.15
C PHE B 12 -9.25 6.41 -19.25
N ILE B 13 -9.68 5.34 -19.88
CA ILE B 13 -10.27 4.24 -19.13
C ILE B 13 -9.77 2.96 -19.73
N GLY B 14 -10.00 1.86 -19.01
CA GLY B 14 -9.53 0.53 -19.44
C GLY B 14 -8.78 -0.15 -18.27
N HIS B 15 -8.24 -1.33 -18.50
CA HIS B 15 -7.55 -2.11 -17.45
C HIS B 15 -6.26 -1.38 -17.05
N VAL B 16 -5.96 -1.34 -15.76
CA VAL B 16 -4.88 -0.48 -15.24
C VAL B 16 -3.49 -0.93 -15.66
N ASP B 17 -3.38 -2.22 -15.98
CA ASP B 17 -2.19 -2.75 -16.62
C ASP B 17 -2.16 -2.67 -18.14
N HIS B 18 -3.20 -2.13 -18.81
CA HIS B 18 -3.18 -2.09 -20.30
C HIS B 18 -2.52 -0.88 -20.96
N GLY B 19 -1.88 -0.02 -20.17
CA GLY B 19 -1.02 1.04 -20.70
C GLY B 19 -1.69 2.37 -20.94
N LYS B 20 -2.89 2.58 -20.38
CA LYS B 20 -3.54 3.88 -20.52
C LYS B 20 -2.69 4.98 -19.88
N SER B 21 -2.02 4.70 -18.77
CA SER B 21 -1.19 5.74 -18.12
C SER B 21 0.07 6.10 -18.89
N THR B 22 0.68 5.07 -19.42
CA THR B 22 1.82 5.23 -20.26
C THR B 22 1.41 5.94 -21.55
N THR B 23 0.21 5.68 -22.07
CA THR B 23 -0.33 6.38 -23.26
C THR B 23 -0.37 7.89 -23.04
N ILE B 24 -0.87 8.33 -21.87
CA ILE B 24 -0.94 9.74 -21.52
C ILE B 24 0.48 10.29 -21.40
N GLY B 25 1.32 9.54 -20.71
CA GLY B 25 2.75 9.86 -20.64
C GLY B 25 3.35 10.07 -22.04
N ARG B 26 3.08 9.14 -22.97
CA ARG B 26 3.68 9.21 -24.28
C ARG B 26 3.14 10.39 -25.06
N LEU B 27 1.89 10.78 -24.83
CA LEU B 27 1.33 11.98 -25.47
C LEU B 27 2.08 13.24 -25.07
N LEU B 28 2.22 13.42 -23.77
CA LEU B 28 2.97 14.58 -23.25
C LEU B 28 4.43 14.63 -23.73
N TYR B 29 5.07 13.46 -23.79
CA TYR B 29 6.51 13.37 -24.13
C TYR B 29 6.81 13.68 -25.60
N ASP B 30 6.06 13.06 -26.50
CA ASP B 30 6.29 13.22 -27.93
C ASP B 30 5.75 14.56 -28.49
N THR B 31 4.99 15.30 -27.71
CA THR B 31 4.54 16.64 -28.16
C THR B 31 5.44 17.71 -27.58
N GLY B 32 6.41 17.31 -26.73
CA GLY B 32 7.36 18.24 -26.16
C GLY B 32 6.85 19.00 -24.96
N ASN B 33 5.74 18.54 -24.36
CA ASN B 33 5.20 19.19 -23.19
C ASN B 33 5.77 18.66 -21.86
N ILE B 34 7.06 18.34 -21.82
CA ILE B 34 7.72 18.01 -20.57
C ILE B 34 8.35 19.32 -20.09
N PRO B 35 8.18 19.65 -18.80
CA PRO B 35 8.85 20.79 -18.18
C PRO B 35 10.35 20.73 -18.43
N GLU B 36 10.92 21.83 -18.92
CA GLU B 36 12.32 21.81 -19.39
C GLU B 36 13.30 21.70 -18.23
N THR B 37 12.87 21.96 -16.99
CA THR B 37 13.71 21.71 -15.81
C THR B 37 14.04 20.21 -15.68
N ILE B 38 13.02 19.37 -15.83
CA ILE B 38 13.18 17.91 -15.88
C ILE B 38 14.10 17.48 -17.04
N ILE B 39 13.84 17.99 -18.26
CA ILE B 39 14.61 17.60 -19.44
C ILE B 39 16.07 18.05 -19.26
N LYS B 40 16.28 19.27 -18.75
CA LYS B 40 17.62 19.79 -18.42
C LYS B 40 18.34 18.93 -17.36
N LYS B 41 17.61 18.51 -16.33
CA LYS B 41 18.19 17.65 -15.27
C LYS B 41 18.62 16.28 -15.78
N PHE B 42 17.85 15.71 -16.70
CA PHE B 42 18.20 14.43 -17.33
C PHE B 42 19.50 14.51 -18.13
N GLU B 43 19.63 15.57 -18.94
CA GLU B 43 20.84 15.84 -19.77
C GLU B 43 22.14 15.62 -19.00
N GLU B 44 22.14 16.00 -17.72
CA GLU B 44 23.25 15.75 -16.82
C GLU B 44 23.77 14.33 -16.95
N MET B 45 22.85 13.34 -17.00
CA MET B 45 23.20 11.91 -16.86
C MET B 45 23.84 11.20 -18.07
N GLY B 46 23.93 11.87 -19.22
CA GLY B 46 24.56 11.25 -20.39
C GLY B 46 23.74 10.10 -20.94
N GLU B 47 24.33 9.32 -21.84
CA GLU B 47 23.53 8.39 -22.62
C GLU B 47 23.00 7.28 -21.76
N LYS B 48 21.70 7.01 -21.89
CA LYS B 48 21.04 5.87 -21.25
C LYS B 48 20.17 5.24 -22.34
N GLY B 49 19.35 4.25 -22.04
CA GLY B 49 18.34 3.90 -23.13
C GLY B 49 17.58 5.15 -23.67
N LYS B 50 17.02 5.12 -24.89
CA LYS B 50 15.82 5.96 -25.17
C LYS B 50 14.70 5.57 -24.21
N SER B 51 14.53 4.26 -24.02
CA SER B 51 13.52 3.77 -23.10
C SER B 51 13.79 4.24 -21.70
N PHE B 52 15.06 4.15 -21.26
CA PHE B 52 15.41 4.60 -19.92
C PHE B 52 15.04 6.08 -19.73
N LYS B 53 15.39 6.92 -20.73
CA LYS B 53 15.07 8.34 -20.64
C LYS B 53 13.57 8.58 -20.49
N PHE B 54 12.78 7.95 -21.37
CA PHE B 54 11.31 8.09 -21.27
C PHE B 54 10.78 7.64 -19.88
N ALA B 55 11.31 6.55 -19.35
CA ALA B 55 10.82 6.09 -18.03
C ALA B 55 11.22 7.06 -16.92
N TRP B 56 12.47 7.49 -16.93
CA TRP B 56 12.97 8.39 -15.89
C TRP B 56 12.25 9.74 -15.86
N VAL B 57 12.04 10.32 -17.03
CA VAL B 57 11.31 11.58 -17.10
C VAL B 57 9.83 11.47 -16.66
N MET B 58 9.14 10.44 -17.08
CA MET B 58 7.78 10.20 -16.60
C MET B 58 7.73 9.97 -15.08
N ASP B 59 8.69 9.19 -14.55
CA ASP B 59 8.86 9.07 -13.08
C ASP B 59 9.10 10.47 -12.47
N ARG B 60 9.97 11.25 -13.12
CA ARG B 60 10.21 12.61 -12.68
C ARG B 60 8.97 13.54 -12.74
N LEU B 61 8.15 13.39 -13.77
CA LEU B 61 6.90 14.16 -13.87
C LEU B 61 5.96 13.85 -12.69
N LYS B 62 5.82 12.58 -12.38
CA LYS B 62 4.96 12.14 -11.26
C LYS B 62 5.38 12.72 -9.89
N GLU B 63 6.66 12.61 -9.58
CA GLU B 63 7.21 13.12 -8.31
C GLU B 63 6.99 14.65 -8.15
N GLU B 64 7.12 15.36 -9.26
CA GLU B 64 6.89 16.78 -9.29
C GLU B 64 5.39 17.09 -9.07
N ARG B 65 4.50 16.28 -9.64
CA ARG B 65 3.08 16.36 -9.30
C ARG B 65 2.85 16.12 -7.81
N GLU B 66 3.42 15.07 -7.26
CA GLU B 66 3.21 14.75 -5.84
C GLU B 66 3.72 15.85 -4.91
N ARG B 67 4.74 16.59 -5.32
CA ARG B 67 5.30 17.67 -4.50
C ARG B 67 4.52 18.97 -4.65
N GLY B 68 3.70 19.13 -5.70
CA GLY B 68 2.72 20.22 -5.79
C GLY B 68 2.99 21.38 -6.76
N ILE B 69 4.22 21.90 -6.83
CA ILE B 69 4.46 23.17 -7.59
C ILE B 69 4.27 23.05 -9.11
N ASP B 72 -0.28 21.17 -13.18
CA ASP B 72 -1.39 20.25 -13.15
C ASP B 72 -1.00 19.08 -12.26
N VAL B 73 -1.71 18.87 -11.17
CA VAL B 73 -1.52 17.63 -10.38
C VAL B 73 -2.58 16.59 -10.68
N ALA B 74 -3.83 17.02 -10.83
CA ALA B 74 -4.93 16.09 -11.01
C ALA B 74 -5.29 15.88 -12.45
N HIS B 75 -4.70 16.68 -13.34
CA HIS B 75 -5.09 16.72 -14.73
C HIS B 75 -3.83 16.70 -15.54
N THR B 76 -3.94 16.30 -16.78
CA THR B 76 -2.85 16.43 -17.70
C THR B 76 -3.39 17.35 -18.79
N LYS B 77 -2.68 18.44 -19.06
CA LYS B 77 -3.11 19.42 -20.11
C LYS B 77 -2.09 19.62 -21.24
N PHE B 78 -2.57 19.72 -22.50
CA PHE B 78 -1.72 20.11 -23.65
C PHE B 78 -2.54 20.63 -24.84
N GLU B 79 -1.88 21.45 -25.68
CA GLU B 79 -2.48 22.08 -26.86
C GLU B 79 -2.29 21.19 -28.05
N THR B 80 -3.23 21.27 -28.95
CA THR B 80 -3.18 20.53 -30.17
C THR B 80 -3.63 21.57 -31.22
N PRO B 81 -3.47 21.30 -32.53
CA PRO B 81 -3.74 22.41 -33.51
C PRO B 81 -5.15 23.06 -33.42
N HIS B 82 -6.17 22.27 -33.11
CA HIS B 82 -7.56 22.72 -32.97
C HIS B 82 -8.17 22.69 -31.54
N ARG B 83 -7.48 22.14 -30.52
CA ARG B 83 -8.07 21.96 -29.17
C ARG B 83 -7.16 22.33 -28.00
N TYR B 84 -7.78 22.64 -26.87
CA TYR B 84 -7.10 22.63 -25.57
C TYR B 84 -7.62 21.37 -24.91
N ILE B 85 -6.71 20.44 -24.60
CA ILE B 85 -7.08 19.14 -24.10
C ILE B 85 -6.76 19.09 -22.61
N THR B 86 -7.74 18.62 -21.85
CA THR B 86 -7.56 18.27 -20.45
C THR B 86 -7.90 16.78 -20.27
N ILE B 87 -6.99 16.04 -19.63
CA ILE B 87 -7.12 14.62 -19.45
C ILE B 87 -7.15 14.26 -17.95
N ILE B 88 -8.01 13.32 -17.60
CA ILE B 88 -7.89 12.63 -16.32
C ILE B 88 -7.76 11.14 -16.60
N ASP B 89 -6.96 10.47 -15.77
CA ASP B 89 -6.67 9.07 -15.87
C ASP B 89 -7.48 8.37 -14.79
N ALA B 90 -8.50 7.64 -15.21
CA ALA B 90 -9.58 7.26 -14.30
C ALA B 90 -9.05 6.17 -13.36
N PRO B 91 -9.52 6.14 -12.11
CA PRO B 91 -9.09 5.06 -11.24
C PRO B 91 -9.69 3.75 -11.70
N GLY B 92 -8.93 2.70 -11.51
CA GLY B 92 -9.36 1.34 -11.83
C GLY B 92 -10.23 0.73 -10.77
N HIS B 93 -9.87 0.90 -9.49
CA HIS B 93 -10.55 0.16 -8.42
C HIS B 93 -11.98 0.59 -8.36
N ARG B 94 -12.85 -0.41 -8.24
CA ARG B 94 -14.31 -0.23 -8.36
C ARG B 94 -14.88 0.76 -7.37
N ASP B 95 -14.26 0.88 -6.20
CA ASP B 95 -14.79 1.73 -5.13
C ASP B 95 -14.66 3.23 -5.37
N PHE B 96 -13.94 3.63 -6.42
CA PHE B 96 -13.95 5.00 -6.85
C PHE B 96 -15.09 5.35 -7.81
N VAL B 97 -15.91 4.36 -8.23
CA VAL B 97 -16.96 4.64 -9.23
C VAL B 97 -17.93 5.65 -8.67
N LYS B 98 -18.23 5.53 -7.37
CA LYS B 98 -19.13 6.51 -6.75
C LYS B 98 -18.62 7.94 -7.00
N ASN B 99 -17.32 8.15 -6.76
CA ASN B 99 -16.68 9.45 -6.96
C ASN B 99 -16.70 9.91 -8.41
N MET B 100 -16.50 9.01 -9.36
CA MET B 100 -16.59 9.37 -10.79
C MET B 100 -18.01 9.86 -11.19
N ILE B 101 -19.03 9.22 -10.63
CA ILE B 101 -20.44 9.50 -10.98
C ILE B 101 -20.97 10.80 -10.36
N THR B 102 -20.60 11.09 -9.11
CA THR B 102 -20.95 12.35 -8.44
C THR B 102 -19.78 13.38 -8.35
N GLY B 103 -18.56 12.95 -8.64
CA GLY B 103 -17.38 13.83 -8.61
C GLY B 103 -17.20 14.63 -9.89
N ALA B 104 -17.36 15.94 -9.72
CA ALA B 104 -17.35 16.98 -10.77
C ALA B 104 -17.40 16.63 -12.28
N SER B 105 -16.46 17.19 -13.05
CA SER B 105 -16.68 17.70 -14.41
C SER B 105 -17.23 16.73 -15.45
N GLN B 106 -17.95 17.27 -16.43
CA GLN B 106 -18.35 16.54 -17.62
C GLN B 106 -17.16 16.23 -18.57
N ALA B 107 -16.91 14.95 -18.81
CA ALA B 107 -16.03 14.49 -19.87
C ALA B 107 -16.74 14.54 -21.22
N ASP B 108 -16.06 15.16 -22.20
CA ASP B 108 -16.57 15.25 -23.56
C ASP B 108 -16.28 13.98 -24.34
N ALA B 109 -15.18 13.28 -23.97
CA ALA B 109 -14.79 12.04 -24.63
C ALA B 109 -14.03 11.13 -23.70
N ALA B 110 -14.10 9.84 -24.01
CA ALA B 110 -13.34 8.80 -23.32
C ALA B 110 -12.37 8.09 -24.24
N VAL B 111 -11.14 7.87 -23.78
CA VAL B 111 -10.21 7.00 -24.50
C VAL B 111 -10.14 5.64 -23.81
N LEU B 112 -10.62 4.60 -24.49
CA LEU B 112 -10.61 3.30 -23.88
C LEU B 112 -9.42 2.54 -24.42
N VAL B 113 -8.45 2.27 -23.55
CA VAL B 113 -7.22 1.64 -23.93
C VAL B 113 -7.29 0.14 -23.58
N VAL B 114 -7.07 -0.70 -24.59
CA VAL B 114 -7.19 -2.15 -24.48
C VAL B 114 -5.92 -2.81 -25.07
N ALA B 115 -5.25 -3.63 -24.29
CA ALA B 115 -4.09 -4.37 -24.72
C ALA B 115 -4.46 -5.48 -25.72
N ALA B 116 -3.66 -5.57 -26.77
CA ALA B 116 -3.67 -6.71 -27.73
C ALA B 116 -3.32 -8.05 -27.10
N THR B 117 -2.44 -8.04 -26.12
CA THR B 117 -2.00 -9.26 -25.43
C THR B 117 -3.18 -9.97 -24.75
N ASP B 118 -3.91 -9.24 -23.92
CA ASP B 118 -5.00 -9.80 -23.11
C ASP B 118 -6.38 -9.69 -23.76
N GLY B 119 -6.57 -8.66 -24.56
CA GLY B 119 -7.87 -8.33 -25.12
C GLY B 119 -8.87 -7.86 -24.08
N VAL B 120 -10.15 -8.07 -24.40
CA VAL B 120 -11.26 -7.61 -23.57
C VAL B 120 -11.35 -8.44 -22.29
N MET B 121 -11.33 -7.72 -21.17
CA MET B 121 -11.30 -8.30 -19.85
C MET B 121 -12.71 -8.22 -19.32
N PRO B 122 -13.02 -8.97 -18.24
CA PRO B 122 -14.30 -8.85 -17.56
C PRO B 122 -14.66 -7.41 -17.18
N GLN B 123 -13.62 -6.59 -16.93
CA GLN B 123 -13.77 -5.22 -16.51
C GLN B 123 -14.13 -4.28 -17.66
N THR B 124 -13.77 -4.63 -18.90
CA THR B 124 -13.95 -3.73 -20.04
C THR B 124 -15.40 -3.28 -20.27
N LYS B 125 -16.38 -4.16 -20.04
CA LYS B 125 -17.82 -3.82 -20.14
C LYS B 125 -18.22 -2.81 -19.06
N GLU B 126 -17.57 -2.93 -17.90
CA GLU B 126 -17.73 -1.99 -16.80
C GLU B 126 -17.21 -0.62 -17.20
N HIS B 127 -16.06 -0.58 -17.86
CA HIS B 127 -15.52 0.70 -18.35
C HIS B 127 -16.43 1.33 -19.41
N ALA B 128 -16.93 0.53 -20.36
CA ALA B 128 -17.94 0.98 -21.37
C ALA B 128 -19.24 1.54 -20.78
N PHE B 129 -19.82 0.82 -19.82
CA PHE B 129 -21.07 1.25 -19.18
C PHE B 129 -20.87 2.55 -18.41
N LEU B 130 -19.74 2.63 -17.70
CA LEU B 130 -19.36 3.83 -17.01
C LEU B 130 -19.31 5.04 -17.99
N ALA B 131 -18.66 4.86 -19.13
CA ALA B 131 -18.55 5.97 -20.13
C ALA B 131 -19.95 6.49 -20.52
N ARG B 132 -20.83 5.58 -20.92
CA ARG B 132 -22.23 5.93 -21.18
C ARG B 132 -22.88 6.64 -19.97
N THR B 133 -22.84 5.99 -18.80
CA THR B 133 -23.48 6.50 -17.59
C THR B 133 -23.06 7.91 -17.28
N LEU B 134 -21.76 8.18 -17.44
CA LEU B 134 -21.23 9.57 -17.31
C LEU B 134 -21.72 10.50 -18.44
N GLY B 135 -22.55 10.00 -19.37
CA GLY B 135 -23.08 10.83 -20.46
C GLY B 135 -22.01 11.35 -21.41
N ILE B 136 -20.92 10.62 -21.55
CA ILE B 136 -19.81 10.96 -22.44
C ILE B 136 -20.19 10.64 -23.89
N LYS B 137 -20.18 11.68 -24.73
CA LYS B 137 -20.70 11.57 -26.09
C LYS B 137 -19.86 10.76 -27.08
N HIS B 138 -18.53 10.93 -27.02
CA HIS B 138 -17.60 10.39 -28.00
C HIS B 138 -16.57 9.46 -27.34
N ILE B 139 -16.33 8.30 -27.96
CA ILE B 139 -15.29 7.37 -27.54
C ILE B 139 -14.19 7.30 -28.61
N ILE B 140 -12.96 7.10 -28.15
CA ILE B 140 -11.83 6.65 -28.96
C ILE B 140 -11.27 5.40 -28.33
N VAL B 141 -11.04 4.38 -29.17
CA VAL B 141 -10.46 3.11 -28.73
C VAL B 141 -9.01 3.03 -29.23
N THR B 142 -8.10 2.67 -28.33
CA THR B 142 -6.76 2.21 -28.72
C THR B 142 -6.65 0.74 -28.38
N ILE B 143 -6.01 0.02 -29.32
CA ILE B 143 -5.63 -1.33 -29.14
C ILE B 143 -4.10 -1.24 -28.94
N ASN B 144 -3.68 -1.40 -27.69
CA ASN B 144 -2.33 -1.02 -27.29
C ASN B 144 -1.42 -2.28 -27.11
N LYS B 145 -0.13 -2.05 -26.92
CA LYS B 145 0.90 -3.07 -26.85
C LYS B 145 0.94 -3.87 -28.16
N MET B 146 0.79 -3.21 -29.32
CA MET B 146 0.81 -3.94 -30.61
C MET B 146 2.19 -4.50 -30.92
N ASP B 147 3.24 -3.95 -30.30
CA ASP B 147 4.58 -4.56 -30.36
C ASP B 147 4.54 -6.01 -29.86
N MET B 148 3.81 -6.27 -28.79
CA MET B 148 3.77 -7.57 -28.13
C MET B 148 2.97 -8.65 -28.90
N VAL B 149 2.27 -8.26 -29.97
CA VAL B 149 1.61 -9.21 -30.88
C VAL B 149 2.19 -9.09 -32.30
N ASN B 150 3.50 -8.79 -32.39
CA ASN B 150 4.16 -8.59 -33.69
C ASN B 150 3.40 -7.70 -34.65
N TYR B 151 2.78 -6.65 -34.14
CA TYR B 151 1.99 -5.74 -34.95
C TYR B 151 0.94 -6.45 -35.85
N ASP B 152 0.46 -7.59 -35.38
CA ASP B 152 -0.32 -8.50 -36.20
C ASP B 152 -1.73 -7.97 -36.43
N GLN B 153 -2.10 -7.79 -37.70
CA GLN B 153 -3.43 -7.26 -38.04
C GLN B 153 -4.60 -8.16 -37.62
N LYS B 154 -4.38 -9.48 -37.64
CA LYS B 154 -5.42 -10.45 -37.29
C LYS B 154 -5.89 -10.23 -35.84
N VAL B 155 -4.95 -10.22 -34.90
CA VAL B 155 -5.27 -9.88 -33.50
C VAL B 155 -5.91 -8.49 -33.32
N PHE B 156 -5.39 -7.46 -34.01
CA PHE B 156 -5.96 -6.11 -33.91
C PHE B 156 -7.46 -6.11 -34.21
N GLU B 157 -7.84 -6.84 -35.26
CA GLU B 157 -9.23 -6.89 -35.75
C GLU B 157 -10.13 -7.73 -34.83
N LYS B 158 -9.60 -8.81 -34.27
CA LYS B 158 -10.33 -9.61 -33.28
C LYS B 158 -10.69 -8.83 -32.01
N VAL B 159 -9.79 -7.94 -31.58
CA VAL B 159 -9.99 -7.13 -30.37
C VAL B 159 -10.92 -5.96 -30.68
N LYS B 160 -10.58 -5.17 -31.70
CA LYS B 160 -11.50 -4.17 -32.28
C LYS B 160 -12.96 -4.68 -32.36
N ALA B 161 -13.13 -5.93 -32.78
CA ALA B 161 -14.46 -6.57 -32.91
C ALA B 161 -15.23 -6.71 -31.60
N GLN B 162 -14.60 -7.35 -30.62
CA GLN B 162 -15.23 -7.56 -29.30
C GLN B 162 -15.37 -6.26 -28.49
N VAL B 163 -14.44 -5.32 -28.71
CA VAL B 163 -14.57 -3.98 -28.13
C VAL B 163 -15.76 -3.30 -28.81
N GLU B 164 -15.85 -3.39 -30.13
CA GLU B 164 -17.00 -2.81 -30.85
C GLU B 164 -18.38 -3.22 -30.29
N LYS B 165 -18.60 -4.52 -30.05
CA LYS B 165 -19.90 -5.02 -29.51
C LYS B 165 -20.36 -4.29 -28.24
N LEU B 166 -19.43 -4.15 -27.31
CA LEU B 166 -19.68 -3.49 -26.02
C LEU B 166 -20.08 -1.99 -26.12
N LEU B 167 -19.48 -1.28 -27.10
CA LEU B 167 -19.79 0.12 -27.39
C LEU B 167 -21.07 0.33 -28.24
N LYS B 168 -21.28 -0.55 -29.22
CA LYS B 168 -22.52 -0.52 -30.04
C LYS B 168 -23.71 -0.79 -29.14
N THR B 169 -23.62 -1.83 -28.31
CA THR B 169 -24.68 -2.16 -27.33
C THR B 169 -25.08 -0.97 -26.47
N LEU B 170 -24.11 -0.13 -26.11
CA LEU B 170 -24.36 1.09 -25.30
C LEU B 170 -24.57 2.35 -26.13
N GLY B 171 -24.57 2.26 -27.45
CA GLY B 171 -25.00 3.38 -28.30
C GLY B 171 -23.92 4.19 -28.99
N TYR B 172 -22.68 3.77 -28.85
CA TYR B 172 -21.57 4.38 -29.58
C TYR B 172 -21.45 3.64 -30.94
N LYS B 173 -20.99 4.38 -31.95
CA LYS B 173 -20.56 3.84 -33.25
C LYS B 173 -19.83 4.94 -34.03
N ASP B 174 -19.19 4.58 -35.14
CA ASP B 174 -18.34 5.51 -35.93
C ASP B 174 -17.32 6.21 -35.03
N PHE B 175 -16.58 5.40 -34.29
CA PHE B 175 -15.51 5.88 -33.41
C PHE B 175 -14.18 5.34 -33.92
N PRO B 176 -13.08 6.08 -33.73
CA PRO B 176 -11.81 5.51 -34.14
C PRO B 176 -11.36 4.35 -33.24
N VAL B 177 -10.67 3.40 -33.86
CA VAL B 177 -10.04 2.30 -33.20
C VAL B 177 -8.58 2.21 -33.69
N ILE B 178 -7.65 2.60 -32.82
CA ILE B 178 -6.26 2.92 -33.19
C ILE B 178 -5.28 1.88 -32.64
N PRO B 179 -4.44 1.28 -33.52
CA PRO B 179 -3.39 0.40 -33.01
C PRO B 179 -2.16 1.17 -32.56
N THR B 180 -1.74 0.92 -31.32
CA THR B 180 -0.66 1.70 -30.70
C THR B 180 0.32 0.83 -29.94
N SER B 181 1.51 1.38 -29.74
CA SER B 181 2.41 0.96 -28.67
C SER B 181 2.79 2.21 -27.89
N ALA B 182 2.27 2.36 -26.67
CA ALA B 182 2.68 3.51 -25.83
C ALA B 182 4.17 3.52 -25.52
N TRP B 183 4.74 2.35 -25.20
CA TRP B 183 6.18 2.22 -24.85
C TRP B 183 7.09 2.59 -26.00
N ASN B 184 6.80 2.10 -27.21
CA ASN B 184 7.65 2.44 -28.38
C ASN B 184 7.21 3.71 -29.07
N GLY B 185 5.92 4.06 -28.97
CA GLY B 185 5.38 5.34 -29.46
C GLY B 185 4.53 5.22 -30.71
N ASP B 186 4.38 4.01 -31.26
CA ASP B 186 3.59 3.80 -32.48
C ASP B 186 2.18 4.34 -32.37
N ASN B 187 1.87 5.34 -33.21
CA ASN B 187 0.54 5.86 -33.47
C ASN B 187 -0.10 6.67 -32.29
N VAL B 188 0.70 7.07 -31.31
CA VAL B 188 0.21 7.94 -30.24
C VAL B 188 0.35 9.39 -30.72
N VAL B 189 1.58 9.83 -30.87
CA VAL B 189 1.85 11.11 -31.56
C VAL B 189 2.37 10.72 -32.95
N LYS B 190 3.51 10.06 -33.03
CA LYS B 190 4.11 9.71 -34.33
C LYS B 190 3.53 8.42 -34.96
N LYS B 191 3.29 8.51 -36.27
CA LYS B 191 2.84 7.38 -37.07
C LYS B 191 3.77 6.18 -36.97
N SER B 192 3.19 5.00 -37.11
CA SER B 192 3.97 3.77 -37.11
C SER B 192 4.64 3.58 -38.48
N ASP B 193 5.83 2.98 -38.48
CA ASP B 193 6.32 2.31 -39.68
C ASP B 193 5.61 0.97 -39.73
N LYS B 194 5.54 0.33 -38.56
CA LYS B 194 5.37 -1.13 -38.44
C LYS B 194 3.96 -1.65 -38.70
N MET B 195 3.03 -0.77 -39.10
CA MET B 195 1.63 -1.13 -39.31
C MET B 195 1.08 -0.39 -40.54
N PRO B 196 1.58 -0.71 -41.76
CA PRO B 196 1.08 -0.04 -42.97
C PRO B 196 -0.36 -0.45 -43.31
N TRP B 197 -0.79 -1.58 -42.76
CA TRP B 197 -2.20 -1.97 -42.79
C TRP B 197 -3.18 -0.98 -42.14
N TYR B 198 -2.69 -0.01 -41.36
CA TYR B 198 -3.56 1.01 -40.74
C TYR B 198 -3.34 2.40 -41.35
N ASN B 199 -4.42 3.09 -41.75
CA ASN B 199 -4.37 4.50 -42.26
C ASN B 199 -5.28 5.48 -41.51
N GLY B 200 -5.82 5.07 -40.36
CA GLY B 200 -6.66 5.96 -39.56
C GLY B 200 -5.79 6.98 -38.84
N PRO B 201 -6.42 7.84 -38.02
CA PRO B 201 -5.66 8.86 -37.31
C PRO B 201 -4.77 8.20 -36.23
N THR B 202 -3.78 8.96 -35.81
CA THR B 202 -3.01 8.66 -34.61
C THR B 202 -3.90 9.07 -33.44
N LEU B 203 -3.50 8.79 -32.22
CA LEU B 203 -4.33 9.21 -31.06
C LEU B 203 -4.36 10.72 -30.91
N ILE B 204 -3.26 11.45 -31.07
CA ILE B 204 -3.31 12.88 -30.93
C ILE B 204 -4.23 13.60 -31.99
N GLU B 205 -4.27 13.02 -33.18
CA GLU B 205 -5.19 13.42 -34.25
C GLU B 205 -6.62 13.09 -33.87
N ALA B 206 -6.84 11.91 -33.29
CA ALA B 206 -8.18 11.55 -32.81
C ALA B 206 -8.66 12.51 -31.72
N LEU B 207 -7.76 12.97 -30.86
CA LEU B 207 -8.14 13.90 -29.77
C LEU B 207 -8.45 15.27 -30.33
N ASP B 208 -7.61 15.69 -31.28
CA ASP B 208 -7.84 16.91 -32.03
C ASP B 208 -9.22 16.93 -32.71
N GLN B 209 -9.70 15.78 -33.18
CA GLN B 209 -10.97 15.69 -33.93
C GLN B 209 -12.25 15.56 -33.04
N ILE B 210 -12.11 15.49 -31.70
CA ILE B 210 -13.32 15.41 -30.83
C ILE B 210 -14.21 16.61 -30.99
N PRO B 211 -15.51 16.39 -31.28
CA PRO B 211 -16.34 17.56 -31.57
C PRO B 211 -16.39 18.55 -30.40
N GLU B 212 -16.45 19.84 -30.70
CA GLU B 212 -16.43 20.86 -29.64
C GLU B 212 -17.68 20.69 -28.77
N PRO B 213 -17.54 20.81 -27.45
CA PRO B 213 -18.72 20.50 -26.64
C PRO B 213 -19.83 21.57 -26.74
N GLU B 214 -21.07 21.13 -26.78
CA GLU B 214 -22.22 22.03 -26.76
C GLU B 214 -22.82 22.00 -25.36
N LYS B 215 -22.79 23.13 -24.67
CA LYS B 215 -23.40 23.25 -23.34
C LYS B 215 -24.94 23.10 -23.45
N PRO B 216 -25.57 22.31 -22.55
CA PRO B 216 -27.02 22.09 -22.70
C PRO B 216 -27.89 23.23 -22.10
N ILE B 217 -27.79 24.39 -22.76
CA ILE B 217 -28.52 25.60 -22.41
C ILE B 217 -29.98 25.47 -22.84
N ASP B 218 -30.23 24.58 -23.80
CA ASP B 218 -31.55 24.28 -24.29
C ASP B 218 -32.37 23.47 -23.30
N LYS B 219 -31.70 22.65 -22.47
CA LYS B 219 -32.39 21.80 -21.50
C LYS B 219 -33.00 22.65 -20.31
N PRO B 220 -34.03 22.15 -19.64
CA PRO B 220 -34.55 22.81 -18.43
C PRO B 220 -33.46 23.19 -17.40
N LEU B 221 -33.56 24.32 -16.75
CA LEU B 221 -32.59 24.66 -15.72
C LEU B 221 -32.56 23.63 -14.61
N ARG B 222 -31.38 23.13 -14.29
CA ARG B 222 -31.17 22.33 -13.09
C ARG B 222 -29.90 22.72 -12.44
N ILE B 223 -29.99 22.95 -11.12
CA ILE B 223 -28.80 23.23 -10.27
C ILE B 223 -28.91 22.42 -9.00
N PRO B 224 -28.25 21.24 -8.95
CA PRO B 224 -28.13 20.54 -7.67
C PRO B 224 -27.45 21.45 -6.64
N ILE B 225 -28.07 21.54 -5.45
CA ILE B 225 -27.53 22.33 -4.39
C ILE B 225 -26.50 21.49 -3.61
N GLN B 226 -25.30 22.02 -3.41
CA GLN B 226 -24.26 21.39 -2.61
C GLN B 226 -24.33 21.89 -1.15
N ASP B 227 -24.48 23.19 -1.01
CA ASP B 227 -24.48 23.88 0.29
C ASP B 227 -25.48 25.05 0.31
N VAL B 228 -25.89 25.42 1.53
CA VAL B 228 -26.80 26.54 1.76
C VAL B 228 -26.31 27.43 2.90
N TYR B 229 -26.21 28.73 2.61
CA TYR B 229 -25.74 29.74 3.54
C TYR B 229 -26.76 30.88 3.82
N SER B 230 -26.59 31.47 5.00
CA SER B 230 -27.27 32.70 5.35
C SER B 230 -26.17 33.75 5.48
N ILE B 231 -26.11 34.67 4.52
CA ILE B 231 -24.98 35.65 4.53
C ILE B 231 -25.49 37.00 4.98
N LYS B 232 -24.89 37.53 6.06
CA LYS B 232 -25.27 38.86 6.60
C LYS B 232 -25.31 39.95 5.53
N GLY B 233 -26.51 40.46 5.29
CA GLY B 233 -26.69 41.60 4.39
C GLY B 233 -26.95 41.22 2.96
N VAL B 234 -27.00 39.91 2.69
CA VAL B 234 -27.38 39.34 1.38
C VAL B 234 -28.67 38.51 1.50
N GLY B 235 -28.73 37.63 2.49
CA GLY B 235 -29.86 36.69 2.59
C GLY B 235 -29.41 35.27 2.29
N THR B 236 -30.34 34.49 1.73
CA THR B 236 -30.17 33.08 1.64
C THR B 236 -29.36 32.88 0.37
N VAL B 237 -28.27 32.12 0.49
CA VAL B 237 -27.38 31.78 -0.65
C VAL B 237 -27.15 30.25 -0.77
N PRO B 238 -27.92 29.59 -1.68
CA PRO B 238 -27.56 28.27 -2.20
C PRO B 238 -26.26 28.38 -2.99
N VAL B 239 -25.48 27.32 -2.89
CA VAL B 239 -24.29 27.13 -3.72
C VAL B 239 -24.40 25.85 -4.51
N GLY B 240 -24.27 25.97 -5.81
CA GLY B 240 -24.18 24.74 -6.66
C GLY B 240 -23.74 24.99 -8.06
N ARG B 241 -23.59 23.91 -8.81
CA ARG B 241 -23.16 23.95 -10.22
C ARG B 241 -24.36 23.78 -11.11
N VAL B 242 -24.49 24.66 -12.08
CA VAL B 242 -25.57 24.54 -13.00
C VAL B 242 -25.16 23.43 -13.96
N GLU B 243 -26.07 22.50 -14.15
CA GLU B 243 -25.84 21.34 -14.93
C GLU B 243 -26.45 21.54 -16.31
N THR B 244 -27.62 22.18 -16.38
CA THR B 244 -28.37 22.34 -17.61
C THR B 244 -29.16 23.66 -17.57
N GLY B 245 -29.49 24.18 -18.75
CA GLY B 245 -30.18 25.43 -18.91
C GLY B 245 -29.32 26.63 -18.48
N LYS B 246 -29.97 27.74 -18.14
CA LYS B 246 -29.31 28.99 -17.76
C LYS B 246 -30.07 29.64 -16.63
N LEU B 247 -29.34 30.25 -15.70
CA LEU B 247 -29.93 31.06 -14.63
C LEU B 247 -29.55 32.48 -14.90
N LYS B 248 -30.52 33.37 -14.96
CA LYS B 248 -30.23 34.78 -15.13
C LYS B 248 -30.76 35.57 -13.94
N VAL B 249 -30.12 36.70 -13.65
CA VAL B 249 -30.59 37.55 -12.54
C VAL B 249 -32.05 37.94 -12.78
N GLY B 250 -32.85 37.89 -11.72
CA GLY B 250 -34.29 38.18 -11.80
C GLY B 250 -35.17 36.96 -12.03
N ASP B 251 -34.59 35.84 -12.44
CA ASP B 251 -35.36 34.61 -12.59
C ASP B 251 -35.95 34.23 -11.26
N VAL B 252 -37.04 33.50 -11.32
CA VAL B 252 -37.58 32.90 -10.15
C VAL B 252 -37.26 31.41 -10.27
N VAL B 253 -36.78 30.83 -9.16
CA VAL B 253 -36.50 29.39 -9.13
C VAL B 253 -37.25 28.72 -8.02
N ILE B 254 -37.53 27.43 -8.20
CA ILE B 254 -38.19 26.59 -7.18
C ILE B 254 -37.26 25.44 -6.85
N PHE B 255 -37.31 25.01 -5.58
CA PHE B 255 -36.48 23.96 -5.00
C PHE B 255 -37.29 22.69 -4.67
N GLU B 256 -36.77 21.60 -5.19
CA GLU B 256 -37.31 20.26 -5.00
C GLU B 256 -36.18 19.35 -4.55
N PRO B 257 -36.43 18.38 -3.67
CA PRO B 257 -37.80 18.02 -3.21
C PRO B 257 -38.34 18.89 -2.08
N ALA B 258 -37.57 19.87 -1.58
CA ALA B 258 -38.01 20.85 -0.56
C ALA B 258 -39.54 21.15 -0.65
N SER B 259 -39.97 21.74 -1.77
CA SER B 259 -41.37 22.07 -2.03
C SER B 259 -42.36 20.87 -1.86
N THR B 260 -42.09 19.71 -2.47
CA THR B 260 -42.93 18.53 -2.29
C THR B 260 -42.99 18.06 -0.79
N ILE B 261 -41.85 18.07 -0.10
CA ILE B 261 -41.80 17.64 1.32
C ILE B 261 -42.57 18.57 2.27
N PHE B 262 -42.44 19.87 2.05
CA PHE B 262 -43.14 20.88 2.82
C PHE B 262 -44.54 21.19 2.31
N HIS B 263 -45.00 20.55 1.23
CA HIS B 263 -46.33 20.78 0.65
C HIS B 263 -46.59 22.24 0.27
N LYS B 264 -45.55 22.96 -0.17
CA LYS B 264 -45.70 24.35 -0.59
C LYS B 264 -44.55 24.81 -1.48
N PRO B 265 -44.77 25.84 -2.30
CA PRO B 265 -43.69 26.29 -3.19
C PRO B 265 -42.56 27.00 -2.45
N ILE B 266 -41.42 26.31 -2.34
CA ILE B 266 -40.17 26.85 -1.82
C ILE B 266 -39.45 27.43 -3.04
N GLN B 267 -39.65 28.74 -3.23
CA GLN B 267 -39.33 29.35 -4.49
C GLN B 267 -39.17 30.82 -4.25
N GLY B 268 -38.38 31.44 -5.13
CA GLY B 268 -38.03 32.86 -4.98
C GLY B 268 -37.23 33.47 -6.14
N GLU B 269 -37.00 34.79 -6.04
CA GLU B 269 -36.36 35.56 -7.07
C GLU B 269 -34.89 35.63 -6.84
N VAL B 270 -34.12 35.45 -7.91
CA VAL B 270 -32.68 35.53 -7.86
C VAL B 270 -32.20 36.93 -8.03
N LYS B 271 -31.58 37.51 -6.99
CA LYS B 271 -31.19 38.92 -7.04
C LYS B 271 -29.79 39.10 -7.54
N SER B 272 -28.90 38.15 -7.23
CA SER B 272 -27.52 38.16 -7.74
C SER B 272 -26.86 36.78 -7.69
N ILE B 273 -25.84 36.67 -8.53
CA ILE B 273 -25.15 35.42 -8.84
C ILE B 273 -23.68 35.74 -8.83
N GLU B 274 -22.89 34.93 -8.13
CA GLU B 274 -21.44 35.03 -8.15
C GLU B 274 -20.71 33.74 -8.51
N MET B 275 -19.70 33.86 -9.39
CA MET B 275 -18.70 32.80 -9.64
C MET B 275 -17.30 33.33 -9.45
N HIS B 276 -16.50 32.61 -8.68
CA HIS B 276 -15.18 33.06 -8.23
C HIS B 276 -15.25 34.49 -7.72
N HIS B 277 -16.27 34.77 -6.89
CA HIS B 277 -16.39 36.05 -6.16
C HIS B 277 -16.56 37.28 -7.11
N GLU B 278 -16.98 37.01 -8.35
CA GLU B 278 -17.33 38.01 -9.36
C GLU B 278 -18.82 37.90 -9.73
N PRO B 279 -19.54 39.04 -9.74
CA PRO B 279 -20.93 38.98 -10.17
C PRO B 279 -21.20 38.50 -11.59
N LEU B 280 -22.37 37.90 -11.75
CA LEU B 280 -22.76 37.30 -13.01
C LEU B 280 -24.17 37.73 -13.25
N GLN B 281 -24.49 38.08 -14.49
CA GLN B 281 -25.85 38.36 -14.89
C GLN B 281 -26.51 37.08 -15.37
N GLU B 282 -25.70 36.17 -15.93
CA GLU B 282 -26.15 34.90 -16.40
C GLU B 282 -25.14 33.79 -16.04
N ALA B 283 -25.67 32.64 -15.58
CA ALA B 283 -24.83 31.44 -15.33
C ALA B 283 -25.19 30.33 -16.31
N LEU B 284 -24.19 29.62 -16.82
CA LEU B 284 -24.44 28.60 -17.84
C LEU B 284 -24.00 27.22 -17.33
N PRO B 285 -24.33 26.16 -18.08
CA PRO B 285 -23.93 24.83 -17.66
C PRO B 285 -22.42 24.71 -17.37
N GLY B 286 -22.10 24.04 -16.27
CA GLY B 286 -20.73 23.98 -15.77
C GLY B 286 -20.28 25.06 -14.80
N ASP B 287 -21.01 26.15 -14.65
CA ASP B 287 -20.61 27.22 -13.72
C ASP B 287 -20.95 26.89 -12.29
N ASN B 288 -19.95 27.00 -11.38
CA ASN B 288 -20.12 26.78 -9.96
C ASN B 288 -20.34 28.12 -9.26
N ILE B 289 -21.58 28.29 -8.80
CA ILE B 289 -22.09 29.58 -8.46
C ILE B 289 -22.63 29.60 -7.06
N GLY B 290 -22.54 30.79 -6.46
CA GLY B 290 -23.39 31.16 -5.34
C GLY B 290 -24.44 32.07 -5.88
N PHE B 291 -25.68 31.95 -5.43
CA PHE B 291 -26.71 32.90 -5.84
C PHE B 291 -27.61 33.28 -4.65
N ASN B 292 -28.13 34.52 -4.65
CA ASN B 292 -29.07 34.99 -3.62
C ASN B 292 -30.50 34.85 -4.06
N VAL B 293 -31.28 33.99 -3.38
CA VAL B 293 -32.72 33.77 -3.68
C VAL B 293 -33.47 34.49 -2.56
N ARG B 294 -34.32 35.40 -2.98
CA ARG B 294 -35.01 36.25 -2.06
C ARG B 294 -36.24 35.47 -1.65
N GLY B 295 -36.61 35.59 -0.40
CA GLY B 295 -37.86 35.01 0.10
C GLY B 295 -37.88 33.53 0.41
N VAL B 296 -36.72 32.87 0.39
CA VAL B 296 -36.64 31.46 0.84
C VAL B 296 -35.77 31.42 2.07
N SER B 297 -36.20 30.59 3.03
CA SER B 297 -35.49 30.44 4.29
C SER B 297 -34.34 29.50 4.04
N LYS B 298 -33.17 29.87 4.59
CA LYS B 298 -32.03 29.00 4.84
C LYS B 298 -32.43 27.59 5.27
N ASN B 299 -33.39 27.49 6.20
CA ASN B 299 -33.79 26.21 6.73
C ASN B 299 -34.62 25.36 5.80
N ASP B 300 -35.16 25.91 4.72
CA ASP B 300 -36.09 25.17 3.85
C ASP B 300 -35.43 24.45 2.64
N ILE B 301 -34.14 24.70 2.48
CA ILE B 301 -33.36 24.11 1.42
C ILE B 301 -32.09 23.52 1.99
N LYS B 302 -31.63 22.39 1.44
CA LYS B 302 -30.36 21.81 1.90
C LYS B 302 -29.64 21.15 0.74
N ARG B 303 -28.43 20.67 1.00
CA ARG B 303 -27.73 19.71 0.11
C ARG B 303 -28.61 18.58 -0.46
N GLY B 304 -28.71 18.51 -1.78
CA GLY B 304 -29.51 17.48 -2.41
C GLY B 304 -30.76 18.00 -3.07
N ASP B 305 -31.31 19.08 -2.55
CA ASP B 305 -32.28 19.88 -3.31
C ASP B 305 -31.70 20.31 -4.66
N VAL B 306 -32.61 20.56 -5.60
CA VAL B 306 -32.29 21.06 -6.91
C VAL B 306 -33.21 22.20 -7.24
N ALA B 307 -32.61 23.26 -7.79
CA ALA B 307 -33.30 24.39 -8.38
C ALA B 307 -33.65 24.23 -9.87
N GLY B 308 -34.84 24.72 -10.18
CA GLY B 308 -35.35 24.83 -11.55
C GLY B 308 -36.25 26.02 -11.72
N HIS B 309 -36.62 26.28 -12.96
CA HIS B 309 -37.59 27.31 -13.21
C HIS B 309 -38.95 26.72 -12.89
N THR B 310 -39.89 27.59 -12.56
CA THR B 310 -41.22 27.19 -12.10
C THR B 310 -42.08 26.55 -13.19
N ASP B 311 -41.83 26.87 -14.46
CA ASP B 311 -42.52 26.22 -15.59
C ASP B 311 -41.93 24.86 -15.94
N LYS B 312 -40.72 24.57 -15.49
CA LYS B 312 -40.07 23.29 -15.77
C LYS B 312 -39.41 22.77 -14.49
N PRO B 313 -40.23 22.41 -13.47
CA PRO B 313 -39.66 22.11 -12.15
C PRO B 313 -38.96 20.75 -12.06
N PRO B 314 -37.99 20.62 -11.15
CA PRO B 314 -37.29 19.34 -11.03
C PRO B 314 -38.24 18.21 -10.69
N THR B 315 -38.05 17.09 -11.36
CA THR B 315 -38.89 15.95 -11.18
C THR B 315 -38.54 15.30 -9.87
N VAL B 316 -39.56 15.05 -9.07
CA VAL B 316 -39.38 14.37 -7.81
C VAL B 316 -39.94 12.97 -7.92
N VAL B 317 -39.12 12.02 -7.49
CA VAL B 317 -39.50 10.64 -7.31
C VAL B 317 -39.79 10.47 -5.83
N ARG B 318 -41.07 10.36 -5.52
CA ARG B 318 -41.57 10.33 -4.15
C ARG B 318 -41.44 8.90 -3.68
N THR B 319 -41.67 8.70 -2.39
CA THR B 319 -41.78 7.36 -1.82
C THR B 319 -42.93 6.53 -2.44
N LYS B 320 -44.06 7.13 -2.79
CA LYS B 320 -45.14 6.34 -3.45
C LYS B 320 -44.90 6.00 -4.94
N ASP B 321 -43.83 6.55 -5.51
CA ASP B 321 -43.49 6.36 -6.90
C ASP B 321 -42.42 5.32 -6.98
N THR B 322 -42.06 4.96 -8.22
CA THR B 322 -40.85 4.18 -8.50
C THR B 322 -40.21 4.69 -9.78
N PHE B 323 -39.00 4.19 -10.03
CA PHE B 323 -38.31 4.43 -11.27
C PHE B 323 -37.65 3.19 -11.79
N LYS B 324 -37.63 3.06 -13.10
CA LYS B 324 -36.91 1.99 -13.77
C LYS B 324 -35.50 2.39 -14.11
N ALA B 325 -34.56 1.49 -13.86
CA ALA B 325 -33.14 1.75 -14.09
C ALA B 325 -32.42 0.58 -14.76
N GLN B 326 -31.32 0.93 -15.45
CA GLN B 326 -30.36 -0.03 -15.90
C GLN B 326 -29.08 0.10 -15.13
N ILE B 327 -28.65 -0.99 -14.52
CA ILE B 327 -27.41 -0.99 -13.73
C ILE B 327 -26.43 -2.02 -14.20
N ILE B 328 -25.18 -1.86 -13.81
CA ILE B 328 -24.22 -2.97 -13.73
C ILE B 328 -23.90 -3.17 -12.28
N VAL B 329 -23.86 -4.43 -11.87
CA VAL B 329 -23.42 -4.79 -10.55
C VAL B 329 -21.88 -4.86 -10.57
N LEU B 330 -21.28 -3.97 -9.81
CA LEU B 330 -19.83 -3.87 -9.70
C LEU B 330 -19.27 -4.78 -8.63
N ASN B 331 -19.95 -4.87 -7.48
CA ASN B 331 -19.47 -5.68 -6.38
C ASN B 331 -20.60 -5.94 -5.41
N HIS B 332 -20.87 -7.21 -5.14
CA HIS B 332 -21.74 -7.56 -4.03
C HIS B 332 -21.24 -8.88 -3.43
N PRO B 333 -21.13 -8.96 -2.09
CA PRO B 333 -20.64 -10.18 -1.42
C PRO B 333 -21.50 -11.40 -1.60
N THR B 334 -22.81 -11.23 -1.51
CA THR B 334 -23.72 -12.35 -1.74
C THR B 334 -24.49 -12.16 -3.06
N ALA B 335 -25.73 -11.69 -3.03
CA ALA B 335 -26.53 -11.59 -4.25
C ALA B 335 -27.58 -10.54 -4.04
N ILE B 336 -27.84 -9.71 -5.05
CA ILE B 336 -28.91 -8.72 -4.93
C ILE B 336 -30.24 -9.40 -5.19
N THR B 337 -31.19 -9.13 -4.30
CA THR B 337 -32.53 -9.71 -4.32
C THR B 337 -33.57 -8.61 -4.03
N VAL B 338 -34.83 -8.84 -4.40
CA VAL B 338 -35.94 -7.95 -4.08
C VAL B 338 -35.96 -7.69 -2.59
N GLY B 339 -36.19 -6.45 -2.20
CA GLY B 339 -36.07 -6.03 -0.81
C GLY B 339 -34.72 -5.42 -0.47
N TYR B 340 -33.65 -5.73 -1.25
CA TYR B 340 -32.33 -5.11 -1.02
C TYR B 340 -32.50 -3.58 -0.92
N SER B 341 -31.90 -3.01 0.12
CA SER B 341 -32.18 -1.63 0.49
C SER B 341 -30.90 -0.85 0.74
N PRO B 342 -30.10 -0.59 -0.33
CA PRO B 342 -28.85 0.15 -0.19
C PRO B 342 -29.10 1.68 -0.34
N VAL B 343 -28.03 2.46 -0.54
CA VAL B 343 -28.11 3.91 -0.66
C VAL B 343 -27.76 4.34 -2.09
N LEU B 344 -28.60 5.20 -2.62
CA LEU B 344 -28.50 5.75 -3.97
C LEU B 344 -27.88 7.16 -3.86
N HIS B 345 -26.78 7.35 -4.58
CA HIS B 345 -26.09 8.63 -4.67
C HIS B 345 -26.22 9.15 -6.10
N ALA B 346 -26.79 10.34 -6.24
CA ALA B 346 -26.91 11.04 -7.54
C ALA B 346 -26.72 12.51 -7.32
N HIS B 347 -26.13 13.20 -8.29
CA HIS B 347 -25.77 14.62 -8.20
C HIS B 347 -25.39 14.91 -6.78
N THR B 348 -26.10 15.81 -6.07
CA THR B 348 -25.74 16.14 -4.72
C THR B 348 -26.60 15.39 -3.68
N ALA B 349 -27.49 14.46 -4.11
CA ALA B 349 -28.39 13.76 -3.15
C ALA B 349 -27.97 12.33 -2.80
N GLN B 350 -28.45 11.88 -1.65
CA GLN B 350 -28.20 10.55 -1.08
C GLN B 350 -29.47 10.09 -0.41
N ILE B 351 -30.01 8.97 -0.83
CA ILE B 351 -31.26 8.50 -0.21
C ILE B 351 -31.23 6.99 -0.14
N PRO B 352 -31.90 6.42 0.88
CA PRO B 352 -32.06 5.00 0.80
C PRO B 352 -33.09 4.64 -0.29
N VAL B 353 -32.86 3.49 -0.93
CA VAL B 353 -33.67 3.03 -2.03
C VAL B 353 -33.92 1.54 -1.78
N ARG B 354 -35.02 1.01 -2.31
CA ARG B 354 -35.35 -0.43 -2.16
C ARG B 354 -35.55 -1.07 -3.53
N PHE B 355 -34.96 -2.24 -3.73
CA PHE B 355 -35.11 -2.96 -5.00
C PHE B 355 -36.46 -3.67 -5.02
N GLU B 356 -37.41 -3.14 -5.77
CA GLU B 356 -38.77 -3.70 -5.86
C GLU B 356 -38.93 -4.87 -6.80
N GLN B 357 -38.13 -4.89 -7.85
CA GLN B 357 -38.25 -5.92 -8.87
C GLN B 357 -36.98 -6.00 -9.66
N ILE B 358 -36.57 -7.21 -10.00
CA ILE B 358 -35.53 -7.39 -10.99
C ILE B 358 -36.26 -7.85 -12.24
N LEU B 359 -36.31 -6.98 -13.25
CA LEU B 359 -37.00 -7.26 -14.51
C LEU B 359 -36.22 -8.18 -15.40
N ALA B 360 -34.90 -7.95 -15.54
CA ALA B 360 -34.15 -8.72 -16.51
C ALA B 360 -32.64 -8.70 -16.30
N LYS B 361 -32.00 -9.82 -16.61
CA LYS B 361 -30.56 -9.88 -16.76
C LYS B 361 -30.31 -9.59 -18.24
N VAL B 362 -29.24 -8.84 -18.52
CA VAL B 362 -29.00 -8.35 -19.87
C VAL B 362 -27.61 -8.73 -20.34
N ASP B 363 -27.45 -8.83 -21.67
CA ASP B 363 -26.19 -9.19 -22.29
C ASP B 363 -25.47 -7.92 -22.70
N PRO B 364 -24.36 -7.58 -22.03
CA PRO B 364 -23.66 -6.33 -22.37
C PRO B 364 -23.06 -6.28 -23.79
N ARG B 365 -23.00 -7.41 -24.47
CA ARG B 365 -22.45 -7.51 -25.83
C ARG B 365 -23.54 -7.37 -26.91
N THR B 366 -24.79 -7.77 -26.60
CA THR B 366 -25.95 -7.54 -27.52
C THR B 366 -26.98 -6.49 -27.08
N GLY B 367 -27.06 -6.20 -25.78
CA GLY B 367 -28.12 -5.36 -25.21
C GLY B 367 -29.45 -6.10 -24.99
N ASN B 368 -29.47 -7.41 -25.25
CA ASN B 368 -30.74 -8.17 -25.22
C ASN B 368 -30.97 -8.95 -23.89
N ILE B 369 -32.22 -9.32 -23.67
CA ILE B 369 -32.63 -9.91 -22.41
C ILE B 369 -32.21 -11.36 -22.35
N VAL B 370 -31.31 -11.65 -21.43
CA VAL B 370 -30.84 -13.00 -21.13
C VAL B 370 -31.85 -13.76 -20.29
N GLU B 371 -32.56 -13.06 -19.40
CA GLU B 371 -33.56 -13.70 -18.56
C GLU B 371 -34.56 -12.70 -18.03
N GLU B 372 -35.84 -13.06 -18.10
CA GLU B 372 -36.89 -12.27 -17.50
C GLU B 372 -37.03 -12.66 -16.05
N ASN B 373 -37.27 -11.66 -15.21
CA ASN B 373 -37.49 -11.84 -13.79
C ASN B 373 -36.48 -12.73 -13.11
N PRO B 374 -35.21 -12.31 -13.10
CA PRO B 374 -34.23 -13.21 -12.48
C PRO B 374 -34.46 -13.29 -10.97
N GLN B 375 -34.04 -14.40 -10.37
CA GLN B 375 -34.32 -14.61 -8.98
C GLN B 375 -33.41 -13.71 -8.12
N PHE B 376 -32.20 -13.51 -8.60
CA PHE B 376 -31.25 -12.55 -8.05
C PHE B 376 -30.26 -12.11 -9.14
N ILE B 377 -29.42 -11.17 -8.78
CA ILE B 377 -28.30 -10.78 -9.62
C ILE B 377 -27.05 -10.63 -8.74
N LYS B 378 -25.90 -10.73 -9.40
CA LYS B 378 -24.58 -10.91 -8.83
C LYS B 378 -23.55 -9.96 -9.46
N THR B 379 -22.40 -9.80 -8.82
CA THR B 379 -21.21 -9.15 -9.35
C THR B 379 -21.00 -9.48 -10.82
N GLY B 380 -20.92 -8.44 -11.63
CA GLY B 380 -20.78 -8.58 -13.05
C GLY B 380 -22.05 -8.57 -13.88
N ASP B 381 -23.24 -8.70 -13.26
CA ASP B 381 -24.50 -8.70 -14.05
C ASP B 381 -24.92 -7.27 -14.46
N SER B 382 -25.58 -7.18 -15.61
CA SER B 382 -26.17 -5.98 -16.09
C SER B 382 -27.60 -6.34 -16.01
N ALA B 383 -28.36 -5.46 -15.37
CA ALA B 383 -29.79 -5.69 -15.17
C ALA B 383 -30.64 -4.47 -15.33
N ILE B 384 -31.92 -4.74 -15.53
CA ILE B 384 -32.97 -3.80 -15.51
C ILE B 384 -33.75 -4.09 -14.20
N VAL B 385 -33.88 -3.06 -13.36
CA VAL B 385 -34.51 -3.18 -12.06
C VAL B 385 -35.53 -2.07 -11.90
N VAL B 386 -36.40 -2.25 -10.91
CA VAL B 386 -37.34 -1.23 -10.48
C VAL B 386 -37.06 -0.90 -9.03
N LEU B 387 -36.83 0.39 -8.79
CA LEU B 387 -36.42 0.88 -7.49
C LEU B 387 -37.40 1.88 -6.93
N ARG B 388 -37.60 1.87 -5.61
CA ARG B 388 -38.42 2.87 -4.93
C ARG B 388 -37.55 3.66 -3.97
N PRO B 389 -37.57 5.02 -4.04
CA PRO B 389 -36.78 5.79 -3.09
C PRO B 389 -37.48 5.79 -1.73
N MET B 390 -36.73 5.66 -0.65
CA MET B 390 -37.31 5.63 0.71
C MET B 390 -37.33 7.01 1.39
N LYS B 391 -36.74 7.99 0.73
CA LYS B 391 -36.97 9.41 0.96
C LYS B 391 -37.07 10.08 -0.43
N PRO B 392 -37.84 11.17 -0.58
CA PRO B 392 -38.00 11.73 -1.94
C PRO B 392 -36.69 12.15 -2.52
N VAL B 393 -36.54 12.01 -3.86
CA VAL B 393 -35.31 12.38 -4.57
C VAL B 393 -35.63 12.95 -5.93
N VAL B 394 -34.82 13.94 -6.34
CA VAL B 394 -34.85 14.43 -7.72
C VAL B 394 -33.96 13.53 -8.61
N LEU B 395 -34.58 12.91 -9.61
CA LEU B 395 -33.90 12.18 -10.70
C LEU B 395 -34.59 12.56 -11.98
N GLU B 396 -33.90 12.38 -13.12
CA GLU B 396 -34.47 12.57 -14.44
C GLU B 396 -34.17 11.38 -15.38
N PRO B 397 -35.13 11.01 -16.27
CA PRO B 397 -34.77 10.02 -17.28
C PRO B 397 -33.55 10.46 -18.04
N VAL B 398 -32.57 9.56 -18.20
CA VAL B 398 -31.34 9.90 -18.91
C VAL B 398 -31.53 10.42 -20.33
N LYS B 399 -32.60 10.01 -21.00
CA LYS B 399 -32.93 10.52 -22.34
C LYS B 399 -33.27 11.97 -22.32
N GLU B 400 -33.89 12.42 -21.23
CA GLU B 400 -34.32 13.81 -21.09
C GLU B 400 -33.21 14.64 -20.50
N ILE B 401 -32.69 14.23 -19.35
CA ILE B 401 -31.66 15.04 -18.65
C ILE B 401 -30.62 14.10 -18.03
N PRO B 402 -29.64 13.62 -18.85
CA PRO B 402 -28.61 12.69 -18.38
C PRO B 402 -27.84 13.11 -17.13
N GLN B 403 -27.60 14.40 -16.99
CA GLN B 403 -26.87 14.96 -15.85
C GLN B 403 -27.49 14.67 -14.48
N LEU B 404 -28.81 14.42 -14.46
CA LEU B 404 -29.55 14.00 -13.23
C LEU B 404 -30.24 12.62 -13.39
N GLY B 405 -29.71 11.81 -14.32
CA GLY B 405 -30.12 10.43 -14.55
C GLY B 405 -29.08 9.37 -14.26
N ARG B 406 -27.94 9.79 -13.68
CA ARG B 406 -26.87 8.84 -13.37
C ARG B 406 -26.78 8.63 -11.86
N PHE B 407 -26.58 7.39 -11.46
CA PHE B 407 -26.34 7.14 -10.03
C PHE B 407 -25.35 6.04 -9.73
N ALA B 408 -24.89 6.03 -8.48
CA ALA B 408 -24.16 4.94 -7.93
C ALA B 408 -24.98 4.34 -6.77
N ILE B 409 -24.70 3.08 -6.45
CA ILE B 409 -25.32 2.40 -5.30
C ILE B 409 -24.16 2.09 -4.37
N ARG B 410 -24.27 2.53 -3.11
CA ARG B 410 -23.28 2.23 -2.06
C ARG B 410 -23.95 1.39 -0.96
N ASP B 411 -23.18 0.51 -0.32
CA ASP B 411 -23.68 -0.33 0.78
C ASP B 411 -22.48 -1.00 1.44
N MET B 412 -22.60 -1.40 2.69
CA MET B 412 -21.48 -2.02 3.44
C MET B 412 -20.12 -1.37 3.09
N GLY B 413 -20.11 -0.03 2.97
CA GLY B 413 -18.92 0.72 2.60
C GLY B 413 -18.27 0.46 1.25
N MET B 414 -19.00 -0.13 0.29
CA MET B 414 -18.50 -0.50 -1.06
C MET B 414 -19.39 0.14 -2.11
N THR B 415 -18.85 0.41 -3.30
CA THR B 415 -19.69 0.78 -4.42
C THR B 415 -20.20 -0.49 -5.13
N ILE B 416 -21.51 -0.67 -5.08
CA ILE B 416 -22.19 -1.91 -5.44
C ILE B 416 -22.57 -1.92 -6.89
N ALA B 417 -23.06 -0.79 -7.35
CA ALA B 417 -23.64 -0.70 -8.67
C ALA B 417 -23.52 0.68 -9.18
N ALA B 418 -23.61 0.81 -10.50
CA ALA B 418 -23.80 2.12 -11.17
C ALA B 418 -25.04 2.03 -12.04
N GLY B 419 -25.77 3.11 -12.15
CA GLY B 419 -27.04 3.09 -12.80
C GLY B 419 -27.36 4.25 -13.69
N MET B 420 -28.27 4.00 -14.60
CA MET B 420 -28.96 5.09 -15.30
C MET B 420 -30.44 4.91 -15.12
N VAL B 421 -31.13 6.05 -14.91
CA VAL B 421 -32.57 6.18 -14.76
C VAL B 421 -33.14 6.16 -16.15
N ILE B 422 -33.95 5.15 -16.41
CA ILE B 422 -34.62 5.00 -17.70
C ILE B 422 -35.95 5.71 -17.71
N SER B 423 -36.77 5.45 -16.69
CA SER B 423 -38.13 5.99 -16.61
C SER B 423 -38.64 6.05 -15.19
N ILE B 424 -39.69 6.85 -14.98
CA ILE B 424 -40.24 7.14 -13.65
C ILE B 424 -41.74 6.85 -13.74
N GLN B 425 -42.26 6.05 -12.81
CA GLN B 425 -43.69 5.75 -12.73
C GLN B 425 -44.29 6.33 -11.45
N LYS B 426 -45.19 7.30 -11.59
CA LYS B 426 -45.89 7.90 -10.45
C LYS B 426 -46.99 6.98 -9.87
N GLY B 427 -47.05 6.90 -8.54
CA GLY B 427 -47.95 5.98 -7.82
C GLY B 427 -49.41 6.38 -7.89
N PHE C 4 13.91 5.77 25.66
CA PHE C 4 14.33 4.60 24.84
C PHE C 4 13.15 3.70 24.50
N ASN C 5 13.19 3.09 23.32
CA ASN C 5 12.21 2.03 23.02
C ASN C 5 12.76 0.78 22.30
N LEU C 6 14.09 0.66 22.22
CA LEU C 6 14.77 -0.39 21.47
C LEU C 6 15.98 -0.90 22.27
N VAL C 7 16.08 -2.22 22.44
CA VAL C 7 17.28 -2.84 22.99
C VAL C 7 18.00 -3.60 21.85
N GLY C 8 19.29 -3.40 21.74
CA GLY C 8 20.11 -4.20 20.81
C GLY C 8 21.19 -4.94 21.57
N VAL C 9 21.28 -6.27 21.43
CA VAL C 9 22.33 -7.03 22.13
C VAL C 9 23.55 -7.07 21.26
N ILE C 10 24.67 -6.46 21.72
CA ILE C 10 25.92 -6.49 20.98
C ILE C 10 26.95 -7.41 21.63
N ARG C 11 27.45 -8.39 20.85
CA ARG C 11 28.30 -9.49 21.35
C ARG C 11 29.72 -9.08 21.04
N VAL C 12 30.50 -8.89 22.10
CA VAL C 12 31.89 -8.51 22.00
C VAL C 12 32.79 -9.67 22.37
N MET C 13 33.59 -10.10 21.39
CA MET C 13 34.58 -11.14 21.55
C MET C 13 35.95 -10.53 21.86
N PRO C 14 36.67 -11.13 22.82
CA PRO C 14 37.98 -10.63 23.20
C PRO C 14 39.05 -11.16 22.23
N THR C 15 40.20 -10.48 22.12
CA THR C 15 41.31 -10.93 21.24
C THR C 15 41.97 -12.23 21.73
N ASP C 16 41.84 -12.50 23.02
CA ASP C 16 42.50 -13.60 23.64
C ASP C 16 41.81 -14.08 24.94
N PRO C 17 41.90 -15.39 25.26
CA PRO C 17 41.34 -15.88 26.53
C PRO C 17 41.86 -15.20 27.81
N ASP C 18 43.05 -14.60 27.77
CA ASP C 18 43.67 -13.90 28.91
C ASP C 18 43.40 -12.38 28.96
N VAL C 19 42.52 -11.86 28.10
CA VAL C 19 42.07 -10.47 28.21
C VAL C 19 41.38 -10.25 29.58
N ASN C 20 41.76 -9.17 30.24
CA ASN C 20 41.09 -8.72 31.44
C ASN C 20 39.73 -8.16 31.02
N LEU C 21 38.68 -8.89 31.35
CA LEU C 21 37.32 -8.56 30.92
C LEU C 21 36.72 -7.42 31.76
N ASP C 22 37.16 -7.25 33.02
CA ASP C 22 36.73 -6.09 33.84
C ASP C 22 37.26 -4.77 33.25
N GLU C 23 38.49 -4.82 32.78
CA GLU C 23 39.15 -3.67 32.17
C GLU C 23 38.52 -3.34 30.83
N LEU C 24 38.23 -4.39 30.06
CA LEU C 24 37.64 -4.28 28.72
C LEU C 24 36.19 -3.76 28.82
N GLU C 25 35.41 -4.32 29.73
CA GLU C 25 34.04 -3.81 29.96
C GLU C 25 34.04 -2.32 30.23
N GLU C 26 34.91 -1.89 31.14
CA GLU C 26 35.00 -0.49 31.54
C GLU C 26 35.30 0.42 30.35
N LYS C 27 36.17 -0.05 29.44
CA LYS C 27 36.59 0.73 28.26
C LYS C 27 35.50 0.82 27.23
N LEU C 28 34.84 -0.31 27.01
CA LEU C 28 33.72 -0.37 26.08
C LEU C 28 32.57 0.52 26.55
N LYS C 29 32.32 0.53 27.85
CA LYS C 29 31.24 1.38 28.38
C LYS C 29 31.48 2.85 28.02
N LYS C 30 32.73 3.31 28.09
CA LYS C 30 33.06 4.72 27.84
C LYS C 30 32.89 5.18 26.36
N VAL C 31 32.81 4.25 25.41
CA VAL C 31 32.68 4.60 23.97
C VAL C 31 31.25 4.43 23.42
N ILE C 32 30.29 3.93 24.20
CA ILE C 32 28.87 4.03 23.80
C ILE C 32 28.47 5.52 23.69
N PRO C 33 27.99 5.97 22.52
CA PRO C 33 27.62 7.39 22.40
C PRO C 33 26.49 7.84 23.32
N GLU C 34 26.51 9.13 23.67
CA GLU C 34 25.65 9.73 24.67
C GLU C 34 24.16 9.44 24.50
N LYS C 35 23.66 9.47 23.27
CA LYS C 35 22.23 9.22 23.04
C LYS C 35 21.83 7.74 23.17
N TYR C 36 22.79 6.81 23.31
CA TYR C 36 22.48 5.41 23.65
C TYR C 36 22.59 5.22 25.15
N GLY C 37 21.96 4.20 25.68
CA GLY C 37 22.09 3.86 27.06
C GLY C 37 22.50 2.44 27.15
N LEU C 38 22.59 1.93 28.37
CA LEU C 38 23.05 0.57 28.59
C LEU C 38 22.24 -0.06 29.70
N ALA C 39 21.54 -1.15 29.40
CA ALA C 39 20.70 -1.79 30.41
C ALA C 39 21.53 -2.71 31.30
N LYS C 40 22.48 -3.43 30.72
CA LYS C 40 23.33 -4.36 31.43
C LYS C 40 24.39 -5.00 30.53
N VAL C 41 25.40 -5.56 31.17
CA VAL C 41 26.42 -6.32 30.48
C VAL C 41 26.41 -7.71 31.09
N GLU C 42 26.31 -8.73 30.25
CA GLU C 42 26.42 -10.10 30.69
C GLU C 42 27.66 -10.73 30.09
N ARG C 43 28.20 -11.71 30.80
CA ARG C 43 29.33 -12.50 30.30
C ARG C 43 28.82 -13.85 29.89
N GLU C 44 29.25 -14.29 28.72
CA GLU C 44 28.85 -15.58 28.18
C GLU C 44 30.08 -16.34 27.70
N PRO C 45 30.39 -17.46 28.40
CA PRO C 45 31.54 -18.25 28.01
C PRO C 45 31.24 -18.93 26.73
N ILE C 46 32.22 -18.98 25.84
CA ILE C 46 32.05 -19.61 24.53
C ILE C 46 32.79 -20.94 24.44
N ALA C 47 34.12 -20.87 24.35
CA ALA C 47 34.94 -22.03 24.05
C ALA C 47 36.39 -21.76 24.33
N PHE C 48 37.08 -22.71 25.00
CA PHE C 48 38.52 -22.70 25.21
C PHE C 48 38.97 -21.47 25.94
N GLY C 49 38.10 -20.98 26.82
CA GLY C 49 38.43 -19.93 27.71
C GLY C 49 38.06 -18.56 27.24
N LEU C 50 37.61 -18.44 25.98
CA LEU C 50 37.06 -17.21 25.45
C LEU C 50 35.69 -16.90 26.09
N VAL C 51 35.54 -15.68 26.60
CA VAL C 51 34.31 -15.23 27.21
C VAL C 51 33.84 -13.99 26.45
N ALA C 52 32.66 -14.05 25.85
CA ALA C 52 32.05 -12.86 25.25
C ALA C 52 31.43 -11.95 26.32
N LEU C 53 31.45 -10.65 26.03
CA LEU C 53 30.70 -9.64 26.76
C LEU C 53 29.48 -9.31 25.89
N LYS C 54 28.29 -9.42 26.46
CA LYS C 54 27.03 -9.07 25.79
C LYS C 54 26.42 -7.81 26.41
N PHE C 55 26.52 -6.73 25.64
CA PHE C 55 26.01 -5.42 25.98
C PHE C 55 24.57 -5.22 25.51
N TYR C 56 23.68 -4.96 26.45
CA TYR C 56 22.27 -4.67 26.18
C TYR C 56 22.17 -3.16 25.97
N VAL C 57 22.40 -2.73 24.75
CA VAL C 57 22.41 -1.30 24.41
C VAL C 57 20.97 -0.82 24.21
N LEU C 58 20.63 0.32 24.83
CA LEU C 58 19.35 0.98 24.69
C LEU C 58 19.43 2.04 23.61
N GLY C 59 18.42 2.06 22.77
CA GLY C 59 18.33 3.04 21.70
C GLY C 59 16.89 3.39 21.37
N ARG C 60 16.70 3.90 20.14
CA ARG C 60 15.40 4.34 19.62
C ARG C 60 15.12 3.81 18.23
N ASP C 61 13.87 3.45 17.99
CA ASP C 61 13.50 2.82 16.75
C ASP C 61 13.18 3.93 15.76
N GLU C 62 14.25 4.55 15.23
CA GLU C 62 14.25 5.76 14.36
C GLU C 62 15.50 5.84 13.53
N GLU C 63 15.42 6.56 12.41
CA GLU C 63 16.61 6.97 11.63
C GLU C 63 17.56 7.74 12.55
N GLY C 64 18.85 7.60 12.31
CA GLY C 64 19.86 8.21 13.16
C GLY C 64 20.38 7.28 14.26
N TYR C 65 19.61 6.25 14.61
CA TYR C 65 20.08 5.25 15.58
C TYR C 65 20.47 3.94 14.87
N SER C 66 21.58 3.41 15.33
CA SER C 66 22.18 2.25 14.75
C SER C 66 23.00 1.57 15.83
N PHE C 67 22.65 0.33 16.15
CA PHE C 67 23.52 -0.48 17.01
C PHE C 67 24.79 -0.89 16.24
N ASP C 68 24.75 -0.91 14.90
CA ASP C 68 25.94 -1.20 14.11
C ASP C 68 27.04 -0.17 14.32
N GLU C 69 26.68 1.09 14.55
CA GLU C 69 27.66 2.14 14.76
C GLU C 69 28.21 2.01 16.16
N VAL C 70 27.42 1.48 17.11
CA VAL C 70 27.93 1.30 18.44
C VAL C 70 28.96 0.19 18.36
N ALA C 71 28.66 -0.89 17.65
CA ALA C 71 29.60 -1.99 17.43
C ALA C 71 30.93 -1.57 16.78
N GLU C 72 30.93 -0.61 15.86
CA GLU C 72 32.19 -0.05 15.32
C GLU C 72 33.02 0.69 16.37
N LYS C 73 32.37 1.44 17.24
CA LYS C 73 33.11 2.10 18.32
C LYS C 73 33.78 1.06 19.20
N PHE C 74 33.05 0.01 19.52
CA PHE C 74 33.57 -1.17 20.22
C PHE C 74 34.74 -1.90 19.51
N GLU C 75 34.69 -2.05 18.18
CA GLU C 75 35.77 -2.69 17.45
C GLU C 75 37.10 -1.89 17.45
N GLU C 76 37.05 -0.61 17.80
CA GLU C 76 38.25 0.21 17.92
C GLU C 76 38.95 -0.01 19.27
N VAL C 77 38.23 -0.53 20.27
CA VAL C 77 38.81 -0.66 21.62
C VAL C 77 39.81 -1.81 21.70
N GLU C 78 40.87 -1.58 22.51
CA GLU C 78 41.99 -2.51 22.66
C GLU C 78 41.47 -3.83 23.23
N ASN C 79 41.94 -4.94 22.65
CA ASN C 79 41.56 -6.32 23.03
C ASN C 79 40.18 -6.81 22.57
N VAL C 80 39.59 -6.12 21.62
CA VAL C 80 38.37 -6.54 20.99
C VAL C 80 38.69 -7.18 19.66
N GLU C 81 38.29 -8.46 19.53
CA GLU C 81 38.34 -9.16 18.25
C GLU C 81 37.21 -8.82 17.26
N SER C 82 35.99 -8.79 17.78
CA SER C 82 34.81 -8.52 16.98
C SER C 82 33.69 -7.96 17.88
N ALA C 83 32.79 -7.18 17.29
CA ALA C 83 31.51 -6.81 17.93
C ALA C 83 30.38 -6.90 16.90
N GLU C 84 29.38 -7.72 17.23
CA GLU C 84 28.32 -8.07 16.30
C GLU C 84 26.97 -7.94 17.02
N VAL C 85 25.97 -7.40 16.32
CA VAL C 85 24.66 -7.09 16.89
C VAL C 85 23.90 -8.40 16.75
N GLU C 86 23.43 -8.93 17.87
CA GLU C 86 22.67 -10.16 17.84
C GLU C 86 21.20 -9.77 17.63
N THR C 87 20.53 -9.50 18.72
CA THR C 87 19.10 -9.35 18.82
C THR C 87 18.78 -7.85 18.85
N VAL C 88 17.73 -7.44 18.14
CA VAL C 88 17.17 -6.10 18.29
C VAL C 88 15.70 -6.22 18.56
N SER C 89 15.20 -5.47 19.55
CA SER C 89 13.83 -5.66 19.91
C SER C 89 13.30 -4.49 20.67
N ARG C 90 12.05 -4.14 20.44
CA ARG C 90 11.39 -3.05 21.19
C ARG C 90 11.09 -3.50 22.61
N ILE C 91 11.01 -2.50 23.49
CA ILE C 91 10.57 -2.61 24.87
C ILE C 91 9.46 -1.58 25.09
N PHE D 4 2.45 6.30 -4.03
CA PHE D 4 1.12 6.90 -4.37
C PHE D 4 0.92 6.82 -5.85
N ASN D 5 -0.28 6.47 -6.31
CA ASN D 5 -0.61 6.53 -7.73
C ASN D 5 -1.96 7.17 -8.08
N LEU D 6 -2.50 7.95 -7.17
CA LEU D 6 -3.85 8.41 -7.25
C LEU D 6 -3.95 9.72 -6.46
N VAL D 7 -4.60 10.74 -7.06
CA VAL D 7 -4.86 12.02 -6.39
C VAL D 7 -6.36 12.22 -6.33
N GLY D 8 -6.84 12.67 -5.18
CA GLY D 8 -8.26 12.97 -5.04
C GLY D 8 -8.35 14.39 -4.59
N VAL D 9 -9.02 15.22 -5.35
CA VAL D 9 -9.20 16.61 -4.97
C VAL D 9 -10.44 16.68 -4.10
N ILE D 10 -10.28 17.16 -2.85
CA ILE D 10 -11.39 17.27 -1.90
C ILE D 10 -11.65 18.71 -1.59
N ARG D 11 -12.88 19.14 -1.87
CA ARG D 11 -13.26 20.52 -1.79
C ARG D 11 -13.87 20.68 -0.41
N VAL D 12 -13.28 21.55 0.40
CA VAL D 12 -13.74 21.85 1.73
C VAL D 12 -14.31 23.25 1.80
N MET D 13 -15.56 23.34 2.26
CA MET D 13 -16.28 24.60 2.36
C MET D 13 -16.37 25.01 3.82
N PRO D 14 -16.13 26.31 4.10
CA PRO D 14 -16.18 26.83 5.44
C PRO D 14 -17.62 27.13 5.89
N THR D 15 -17.84 27.20 7.20
CA THR D 15 -19.16 27.48 7.80
C THR D 15 -19.60 28.92 7.59
N ASP D 16 -18.66 29.87 7.54
CA ASP D 16 -18.97 31.24 7.19
C ASP D 16 -17.80 32.00 6.53
N PRO D 17 -18.10 33.12 5.84
CA PRO D 17 -17.05 33.95 5.24
C PRO D 17 -15.88 34.41 6.18
N ASP D 18 -16.09 34.41 7.49
CA ASP D 18 -15.07 34.82 8.49
C ASP D 18 -14.50 33.65 9.28
N VAL D 19 -14.42 32.48 8.66
CA VAL D 19 -13.57 31.40 9.19
C VAL D 19 -12.11 31.76 8.83
N ASN D 20 -11.22 31.68 9.82
CA ASN D 20 -9.80 31.80 9.54
C ASN D 20 -9.36 30.58 8.71
N LEU D 21 -9.03 30.83 7.45
CA LEU D 21 -8.69 29.76 6.49
C LEU D 21 -7.29 29.21 6.79
N ASP D 22 -6.39 30.08 7.25
CA ASP D 22 -5.03 29.66 7.67
C ASP D 22 -5.14 28.63 8.83
N GLU D 23 -6.07 28.90 9.73
CA GLU D 23 -6.31 28.06 10.89
C GLU D 23 -6.97 26.74 10.52
N LEU D 24 -8.05 26.83 9.75
CA LEU D 24 -8.76 25.67 9.20
C LEU D 24 -7.84 24.70 8.43
N GLU D 25 -7.08 25.22 7.49
CA GLU D 25 -6.12 24.44 6.70
C GLU D 25 -5.16 23.63 7.55
N GLU D 26 -4.66 24.26 8.64
CA GLU D 26 -3.72 23.62 9.57
C GLU D 26 -4.37 22.42 10.32
N LYS D 27 -5.63 22.56 10.70
CA LYS D 27 -6.35 21.49 11.40
C LYS D 27 -6.74 20.33 10.49
N LEU D 28 -7.22 20.67 9.30
CA LEU D 28 -7.56 19.63 8.32
C LEU D 28 -6.32 18.79 7.98
N LYS D 29 -5.15 19.42 7.86
CA LYS D 29 -3.91 18.69 7.55
C LYS D 29 -3.57 17.64 8.59
N LYS D 30 -3.80 17.94 9.87
CA LYS D 30 -3.53 16.97 10.95
C LYS D 30 -4.47 15.79 11.01
N VAL D 31 -5.54 15.83 10.21
CA VAL D 31 -6.60 14.82 10.19
C VAL D 31 -6.51 13.85 8.96
N ILE D 32 -5.66 14.14 7.99
CA ILE D 32 -5.44 13.16 6.87
C ILE D 32 -4.76 11.89 7.46
N PRO D 33 -5.38 10.68 7.30
CA PRO D 33 -4.68 9.52 7.85
C PRO D 33 -3.31 9.29 7.23
N GLU D 34 -2.47 8.57 7.98
CA GLU D 34 -1.06 8.49 7.73
C GLU D 34 -0.74 7.93 6.38
N LYS D 35 -1.54 6.99 5.91
CA LYS D 35 -1.29 6.32 4.63
C LYS D 35 -1.65 7.16 3.41
N TYR D 36 -2.30 8.30 3.61
CA TYR D 36 -2.51 9.27 2.51
C TYR D 36 -1.49 10.33 2.60
N GLY D 37 -1.26 11.03 1.50
CA GLY D 37 -0.41 12.16 1.48
C GLY D 37 -1.11 13.34 0.93
N LEU D 38 -0.40 14.44 0.79
CA LEU D 38 -0.99 15.69 0.36
C LEU D 38 -0.05 16.37 -0.60
N ALA D 39 -0.52 16.64 -1.83
CA ALA D 39 0.34 17.31 -2.83
C ALA D 39 0.39 18.80 -2.64
N LYS D 40 -0.76 19.41 -2.34
CA LYS D 40 -0.91 20.84 -2.12
C LYS D 40 -2.33 21.18 -1.67
N VAL D 41 -2.51 22.41 -1.23
CA VAL D 41 -3.80 22.96 -0.89
C VAL D 41 -3.96 24.24 -1.70
N GLU D 42 -5.06 24.33 -2.47
CA GLU D 42 -5.42 25.57 -3.20
C GLU D 42 -6.69 26.22 -2.61
N ARG D 43 -6.76 27.56 -2.72
CA ARG D 43 -7.89 28.34 -2.24
C ARG D 43 -8.64 28.79 -3.44
N GLU D 44 -9.96 28.62 -3.38
CA GLU D 44 -10.76 28.81 -4.54
C GLU D 44 -11.98 29.68 -4.18
N PRO D 45 -11.93 31.00 -4.55
CA PRO D 45 -13.07 31.90 -4.30
C PRO D 45 -14.34 31.40 -4.92
N ILE D 46 -15.43 31.41 -4.18
CA ILE D 46 -16.73 30.97 -4.72
C ILE D 46 -17.69 32.16 -4.86
N ALA D 47 -18.27 32.60 -3.74
CA ALA D 47 -19.35 33.61 -3.72
C ALA D 47 -19.56 34.20 -2.34
N PHE D 48 -19.72 35.53 -2.30
CA PHE D 48 -20.08 36.26 -1.07
C PHE D 48 -19.11 36.04 0.05
N GLY D 49 -17.84 35.99 -0.30
CA GLY D 49 -16.80 35.90 0.69
C GLY D 49 -16.42 34.47 1.02
N LEU D 50 -17.24 33.50 0.60
CA LEU D 50 -16.93 32.09 0.82
C LEU D 50 -15.72 31.66 -0.04
N VAL D 51 -14.68 31.17 0.59
CA VAL D 51 -13.48 30.71 -0.07
C VAL D 51 -13.36 29.21 0.25
N ALA D 52 -13.33 28.35 -0.78
CA ALA D 52 -13.13 26.89 -0.56
C ALA D 52 -11.64 26.52 -0.52
N LEU D 53 -11.31 25.57 0.33
CA LEU D 53 -10.00 24.96 0.29
C LEU D 53 -10.11 23.69 -0.58
N LYS D 54 -9.15 23.52 -1.48
CA LYS D 54 -9.07 22.31 -2.33
C LYS D 54 -7.82 21.50 -1.98
N PHE D 55 -8.03 20.40 -1.25
CA PHE D 55 -6.96 19.50 -0.85
C PHE D 55 -6.66 18.48 -1.95
N TYR D 56 -5.44 18.47 -2.43
CA TYR D 56 -4.97 17.47 -3.43
C TYR D 56 -4.39 16.29 -2.62
N VAL D 57 -5.26 15.36 -2.25
CA VAL D 57 -4.90 14.25 -1.34
C VAL D 57 -4.28 13.13 -2.20
N LEU D 58 -3.21 12.50 -1.71
CA LEU D 58 -2.53 11.44 -2.43
C LEU D 58 -2.88 10.09 -1.80
N GLY D 59 -3.17 9.12 -2.62
CA GLY D 59 -3.53 7.78 -2.18
C GLY D 59 -3.06 6.76 -3.20
N ARG D 60 -3.69 5.59 -3.14
CA ARG D 60 -3.41 4.42 -3.98
C ARG D 60 -4.68 3.84 -4.63
N ASP D 61 -4.56 3.44 -5.89
CA ASP D 61 -5.70 2.91 -6.60
C ASP D 61 -5.86 1.45 -6.22
N GLU D 62 -6.49 1.22 -5.07
CA GLU D 62 -6.74 -0.12 -4.51
C GLU D 62 -7.69 -0.08 -3.32
N GLU D 63 -8.16 -1.28 -2.99
CA GLU D 63 -9.04 -1.52 -1.82
C GLU D 63 -8.37 -0.98 -0.57
N GLY D 64 -9.16 -0.39 0.33
CA GLY D 64 -8.64 0.14 1.59
C GLY D 64 -8.36 1.64 1.50
N TYR D 65 -8.35 2.20 0.30
CA TYR D 65 -8.18 3.63 0.14
C TYR D 65 -9.48 4.25 -0.35
N SER D 66 -9.74 5.43 0.19
CA SER D 66 -10.98 6.07 -0.08
C SER D 66 -10.76 7.49 0.25
N PHE D 67 -10.92 8.37 -0.74
CA PHE D 67 -10.95 9.78 -0.46
C PHE D 67 -12.20 10.21 0.29
N ASP D 68 -13.28 9.43 0.17
CA ASP D 68 -14.53 9.72 0.89
C ASP D 68 -14.35 9.63 2.40
N GLU D 69 -13.61 8.62 2.85
CA GLU D 69 -13.26 8.50 4.27
C GLU D 69 -12.39 9.67 4.71
N VAL D 70 -11.53 10.18 3.82
CA VAL D 70 -10.75 11.35 4.20
C VAL D 70 -11.69 12.55 4.40
N ALA D 71 -12.63 12.74 3.47
CA ALA D 71 -13.55 13.87 3.53
C ALA D 71 -14.47 13.83 4.79
N GLU D 72 -14.81 12.64 5.25
CA GLU D 72 -15.50 12.46 6.52
C GLU D 72 -14.64 12.91 7.71
N LYS D 73 -13.34 12.62 7.69
CA LYS D 73 -12.47 13.14 8.73
C LYS D 73 -12.49 14.65 8.70
N PHE D 74 -12.45 15.23 7.49
CA PHE D 74 -12.57 16.66 7.32
C PHE D 74 -13.87 17.24 7.87
N GLU D 75 -14.99 16.56 7.68
CA GLU D 75 -16.27 17.06 8.15
C GLU D 75 -16.40 17.14 9.66
N GLU D 76 -15.57 16.40 10.40
CA GLU D 76 -15.56 16.47 11.85
C GLU D 76 -14.86 17.72 12.35
N VAL D 77 -14.04 18.36 11.53
CA VAL D 77 -13.22 19.47 11.98
C VAL D 77 -14.02 20.76 12.09
N GLU D 78 -13.67 21.57 13.10
CA GLU D 78 -14.41 22.81 13.40
C GLU D 78 -14.32 23.84 12.27
N ASN D 79 -15.48 24.39 11.94
CA ASN D 79 -15.73 25.41 10.90
C ASN D 79 -15.82 24.89 9.45
N VAL D 80 -16.03 23.59 9.32
CA VAL D 80 -16.23 22.95 8.05
C VAL D 80 -17.68 22.75 7.89
N GLU D 81 -18.22 23.32 6.79
CA GLU D 81 -19.56 23.04 6.37
C GLU D 81 -19.73 21.68 5.66
N SER D 82 -18.81 21.37 4.76
CA SER D 82 -18.88 20.18 3.93
C SER D 82 -17.51 19.88 3.34
N ALA D 83 -17.31 18.61 2.99
CA ALA D 83 -16.13 18.21 2.23
C ALA D 83 -16.53 17.16 1.20
N GLU D 84 -16.23 17.43 -0.08
CA GLU D 84 -16.65 16.57 -1.16
C GLU D 84 -15.49 16.26 -2.07
N VAL D 85 -15.46 15.02 -2.56
CA VAL D 85 -14.45 14.56 -3.52
C VAL D 85 -14.91 15.09 -4.89
N GLU D 86 -14.05 15.86 -5.52
CA GLU D 86 -14.38 16.56 -6.76
C GLU D 86 -13.93 15.75 -7.97
N THR D 87 -12.66 15.32 -7.93
CA THR D 87 -11.94 14.75 -9.07
C THR D 87 -11.03 13.66 -8.52
N VAL D 88 -10.97 12.49 -9.19
CA VAL D 88 -10.03 11.44 -8.82
C VAL D 88 -9.27 11.04 -10.07
N SER D 89 -7.96 10.99 -9.96
CA SER D 89 -7.13 10.73 -11.11
C SER D 89 -5.82 10.06 -10.75
N ARG D 90 -5.41 9.09 -11.55
CA ARG D 90 -4.07 8.48 -11.44
C ARG D 90 -2.95 9.41 -11.92
N ILE D 91 -1.78 9.21 -11.33
CA ILE D 91 -0.55 9.89 -11.68
C ILE D 91 0.61 8.90 -11.77
#